data_4UWM
#
_entry.id   4UWM
#
_cell.length_a   72.790
_cell.length_b   82.840
_cell.length_c   149.850
_cell.angle_alpha   90.00
_cell.angle_beta   90.00
_cell.angle_gamma   90.00
#
_symmetry.space_group_name_H-M   'P 21 21 21'
#
loop_
_entity.id
_entity.type
_entity.pdbx_description
1 polymer '3,6-DIKETOCAMPHANE 1,6 MONOOXYGENASE'
2 non-polymer 'FLAVIN MONONUCLEOTIDE'
3 non-polymer 'TETRAETHYLENE GLYCOL'
4 non-polymer DI(HYDROXYETHYL)ETHER
5 non-polymer 'TRIETHYLENE GLYCOL'
6 water water
#
_entity_poly.entity_id   1
_entity_poly.type   'polypeptide(L)'
_entity_poly.pdbx_seq_one_letter_code
;MAMETGLIFHPYMRPGRSARQTFDWGIKSAVQADSVGIDSMMISEHASQIWENIPNPELLIAAAALQTKNIKFAPMAHLL
PHQHPAKLATMIGWLSQILEGRYFLGIGAGAYPQASYMHGIRNAGQSNTATGGEETKNLNDMVRESLFIMEKIWKREPFF
HEGKYWDAGYPEELEGEEGDEQHKLADFSPWGGKAPEIAVTGFSYNSPSMRLAGERNFKPVSIFSGLDALKRHWEVYSEA
AIEAGHTPDRSRHAVSHTVFCADTDKEAKRLVMEGPIGYCFERYLIPIWRRFGMMDGYAKDAGIDPVDADLEFLVDNVFL
VGSPDTVTEKINALFEATGGWGTLQVEAHDYYDDPAPWFQSLELISKEVAPKILLPKR
;
_entity_poly.pdbx_strand_id   A,B
#
# COMPACT_ATOMS: atom_id res chain seq x y z
N MET A 1 -28.60 15.98 11.75
CA MET A 1 -28.42 14.88 12.76
C MET A 1 -27.27 15.24 13.72
N ALA A 2 -26.71 14.21 14.37
CA ALA A 2 -25.64 14.40 15.34
C ALA A 2 -24.28 14.68 14.67
N MET A 3 -23.41 15.40 15.40
CA MET A 3 -22.00 15.53 15.04
C MET A 3 -21.37 14.15 15.13
N GLU A 4 -20.56 13.78 14.13
CA GLU A 4 -19.91 12.46 14.13
C GLU A 4 -18.60 12.51 14.90
N THR A 5 -18.14 11.35 15.38
CA THR A 5 -16.80 11.21 15.94
C THR A 5 -15.86 10.60 14.86
N GLY A 6 -14.68 11.20 14.72
CA GLY A 6 -13.62 10.66 13.85
C GLY A 6 -12.31 10.48 14.58
N LEU A 7 -11.40 9.71 14.00
CA LEU A 7 -10.07 9.53 14.55
C LEU A 7 -9.07 10.01 13.51
N ILE A 8 -8.07 10.79 13.92
CA ILE A 8 -6.96 11.09 13.05
C ILE A 8 -5.66 10.50 13.62
N PHE A 9 -5.00 9.71 12.79
CA PHE A 9 -3.82 8.92 13.17
C PHE A 9 -2.65 9.48 12.36
N HIS A 10 -1.97 10.45 12.95
CA HIS A 10 -0.85 11.10 12.28
C HIS A 10 0.33 10.23 11.80
N PRO A 11 0.82 9.30 12.61
CA PRO A 11 0.50 9.17 14.02
C PRO A 11 1.44 10.05 14.86
N TYR A 12 1.37 9.94 16.19
CA TYR A 12 2.42 10.49 17.04
C TYR A 12 2.99 9.37 17.91
N MET A 13 3.91 8.62 17.33
CA MET A 13 4.51 7.46 17.99
C MET A 13 5.79 7.92 18.69
N ARG A 14 5.99 7.51 19.94
CA ARG A 14 7.22 7.84 20.67
CA ARG A 14 7.20 7.87 20.66
C ARG A 14 8.45 7.44 19.89
N PRO A 15 9.46 8.33 19.80
CA PRO A 15 10.69 7.94 19.12
C PRO A 15 11.25 6.63 19.67
N GLY A 16 11.66 5.74 18.78
CA GLY A 16 12.06 4.39 19.18
C GLY A 16 11.06 3.27 18.88
N ARG A 17 9.78 3.60 18.72
CA ARG A 17 8.80 2.61 18.29
C ARG A 17 9.21 2.00 16.95
N SER A 18 9.03 0.69 16.79
CA SER A 18 9.40 0.04 15.53
C SER A 18 8.27 0.20 14.51
N ALA A 19 8.56 -0.09 13.24
CA ALA A 19 7.52 -0.13 12.21
C ALA A 19 6.45 -1.17 12.56
N ARG A 20 6.85 -2.35 13.06
CA ARG A 20 5.86 -3.35 13.41
C ARG A 20 4.90 -2.90 14.52
N GLN A 21 5.43 -2.26 15.56
CA GLN A 21 4.61 -1.77 16.66
C GLN A 21 3.64 -0.69 16.18
N THR A 22 4.12 0.20 15.32
CA THR A 22 3.31 1.29 14.81
C THR A 22 2.14 0.72 14.01
N PHE A 23 2.46 -0.24 13.15
CA PHE A 23 1.47 -0.89 12.28
C PHE A 23 0.42 -1.65 13.11
N ASP A 24 0.89 -2.39 14.12
CA ASP A 24 0.01 -3.09 15.07
C ASP A 24 -0.95 -2.13 15.79
N TRP A 25 -0.42 -1.03 16.32
CA TRP A 25 -1.22 -0.01 16.98
C TRP A 25 -2.29 0.61 16.04
N GLY A 26 -1.89 0.90 14.80
CA GLY A 26 -2.85 1.38 13.81
C GLY A 26 -4.02 0.44 13.56
N ILE A 27 -3.73 -0.85 13.38
CA ILE A 27 -4.78 -1.85 13.13
C ILE A 27 -5.68 -2.00 14.37
N LYS A 28 -5.07 -2.14 15.56
CA LYS A 28 -5.84 -2.22 16.80
CA LYS A 28 -5.80 -2.18 16.84
C LYS A 28 -6.71 -0.98 16.98
N SER A 29 -6.18 0.18 16.61
CA SER A 29 -6.90 1.44 16.69
C SER A 29 -8.10 1.44 15.74
N ALA A 30 -7.90 0.97 14.50
CA ALA A 30 -9.00 0.93 13.52
C ALA A 30 -10.14 0.02 13.99
N VAL A 31 -9.80 -1.18 14.46
CA VAL A 31 -10.79 -2.15 14.98
C VAL A 31 -11.59 -1.56 16.17
N GLN A 32 -10.90 -0.96 17.14
CA GLN A 32 -11.56 -0.44 18.34
C GLN A 32 -12.47 0.73 17.96
N ALA A 33 -12.00 1.63 17.07
CA ALA A 33 -12.81 2.77 16.67
C ALA A 33 -14.07 2.29 15.95
N ASP A 34 -13.92 1.30 15.07
CA ASP A 34 -15.07 0.68 14.40
C ASP A 34 -16.06 0.11 15.44
N SER A 35 -15.55 -0.60 16.46
CA SER A 35 -16.39 -1.26 17.47
CA SER A 35 -16.37 -1.24 17.49
C SER A 35 -17.24 -0.27 18.30
N VAL A 36 -16.78 0.95 18.47
CA VAL A 36 -17.53 1.93 19.27
C VAL A 36 -18.19 3.00 18.41
N GLY A 37 -18.33 2.72 17.10
CA GLY A 37 -19.09 3.56 16.17
C GLY A 37 -18.45 4.85 15.75
N ILE A 38 -17.13 4.93 15.83
CA ILE A 38 -16.43 6.07 15.22
C ILE A 38 -16.62 5.99 13.69
N ASP A 39 -16.94 7.13 13.08
CA ASP A 39 -17.39 7.20 11.70
C ASP A 39 -16.25 7.04 10.66
N SER A 40 -15.10 7.64 10.96
CA SER A 40 -14.00 7.67 10.00
C SER A 40 -12.65 7.63 10.72
N MET A 41 -11.64 7.08 10.04
CA MET A 41 -10.27 7.13 10.53
C MET A 41 -9.39 7.70 9.43
N MET A 42 -8.77 8.85 9.71
CA MET A 42 -7.84 9.50 8.80
C MET A 42 -6.42 9.07 9.17
N ILE A 43 -5.58 8.75 8.17
CA ILE A 43 -4.19 8.33 8.41
C ILE A 43 -3.26 9.15 7.57
N SER A 44 -2.31 9.82 8.22
CA SER A 44 -1.41 10.74 7.52
CA SER A 44 -1.41 10.74 7.54
C SER A 44 -0.21 10.05 6.85
N GLU A 45 0.54 10.84 6.08
CA GLU A 45 1.66 10.36 5.27
C GLU A 45 2.87 11.27 5.39
N HIS A 46 3.99 10.71 5.84
CA HIS A 46 5.26 11.44 5.96
C HIS A 46 6.39 10.47 5.68
N ALA A 47 7.39 10.90 4.90
CA ALA A 47 8.57 10.09 4.60
C ALA A 47 9.81 10.50 5.38
N SER A 48 9.79 11.69 6.01
CA SER A 48 11.03 12.21 6.67
C SER A 48 10.95 12.44 8.17
N GLN A 49 9.79 12.18 8.79
CA GLN A 49 9.54 12.52 10.22
C GLN A 49 9.68 11.35 11.17
N ILE A 50 9.93 11.63 12.45
CA ILE A 50 10.10 10.57 13.47
C ILE A 50 8.82 10.18 14.16
N TRP A 51 8.14 11.15 14.78
CA TRP A 51 6.88 10.91 15.45
C TRP A 51 5.79 10.51 14.45
N GLU A 52 5.76 11.21 13.31
CA GLU A 52 4.74 10.95 12.29
C GLU A 52 5.38 9.97 11.31
N ASN A 53 5.28 8.69 11.62
CA ASN A 53 6.18 7.70 11.01
C ASN A 53 5.48 6.71 10.06
N ILE A 54 4.43 7.17 9.35
CA ILE A 54 3.78 6.30 8.38
C ILE A 54 3.95 6.92 6.98
N PRO A 55 4.80 6.30 6.12
CA PRO A 55 5.00 6.84 4.77
C PRO A 55 3.99 6.32 3.75
N ASN A 56 3.20 5.32 4.16
CA ASN A 56 2.23 4.70 3.26
C ASN A 56 0.92 4.37 3.98
N PRO A 57 0.05 5.37 4.22
CA PRO A 57 -1.19 5.14 4.96
C PRO A 57 -2.06 4.07 4.32
N GLU A 58 -1.96 3.90 2.99
CA GLU A 58 -2.79 2.90 2.30
C GLU A 58 -2.50 1.46 2.75
N LEU A 59 -1.26 1.18 3.20
CA LEU A 59 -0.94 -0.16 3.72
C LEU A 59 -1.74 -0.47 4.99
N LEU A 60 -1.85 0.50 5.86
CA LEU A 60 -2.58 0.33 7.11
C LEU A 60 -4.08 0.23 6.83
N ILE A 61 -4.58 1.07 5.92
CA ILE A 61 -5.99 1.01 5.52
C ILE A 61 -6.33 -0.38 4.95
N ALA A 62 -5.49 -0.86 4.04
CA ALA A 62 -5.67 -2.19 3.47
C ALA A 62 -5.63 -3.31 4.53
N ALA A 63 -4.72 -3.19 5.47
CA ALA A 63 -4.62 -4.18 6.57
C ALA A 63 -5.81 -4.19 7.53
N ALA A 64 -6.46 -3.06 7.70
CA ALA A 64 -7.62 -2.92 8.57
C ALA A 64 -8.96 -3.12 7.85
N ALA A 65 -8.91 -3.20 6.51
CA ALA A 65 -10.13 -3.21 5.68
C ALA A 65 -11.10 -4.35 6.00
N LEU A 66 -10.61 -5.58 6.00
CA LEU A 66 -11.49 -6.72 6.22
C LEU A 66 -11.67 -7.01 7.70
N GLN A 67 -11.06 -6.19 8.57
CA GLN A 67 -11.16 -6.36 10.02
CA GLN A 67 -11.11 -6.32 10.02
C GLN A 67 -12.19 -5.41 10.62
N THR A 68 -12.85 -4.64 9.78
CA THR A 68 -13.79 -3.63 10.24
C THR A 68 -15.03 -3.73 9.38
N LYS A 69 -16.14 -3.18 9.88
CA LYS A 69 -17.44 -3.28 9.22
CA LYS A 69 -17.44 -3.28 9.21
C LYS A 69 -17.98 -1.96 8.70
N ASN A 70 -17.90 -0.92 9.52
CA ASN A 70 -18.53 0.34 9.18
C ASN A 70 -17.65 1.55 8.99
N ILE A 71 -16.54 1.62 9.72
CA ILE A 71 -15.72 2.81 9.73
C ILE A 71 -15.22 3.09 8.30
N LYS A 72 -15.13 4.37 7.94
CA LYS A 72 -14.61 4.82 6.66
C LYS A 72 -13.13 5.24 6.84
N PHE A 73 -12.30 4.98 5.83
CA PHE A 73 -10.88 5.34 5.91
C PHE A 73 -10.50 6.42 4.92
N ALA A 74 -9.52 7.25 5.27
CA ALA A 74 -8.97 8.22 4.34
C ALA A 74 -7.49 8.41 4.58
N PRO A 75 -6.68 8.34 3.52
CA PRO A 75 -5.36 8.93 3.65
C PRO A 75 -5.53 10.44 3.81
N MET A 76 -4.79 11.02 4.74
CA MET A 76 -4.92 12.44 5.05
CA MET A 76 -4.93 12.45 5.03
C MET A 76 -3.56 13.08 5.31
N ALA A 77 -2.80 13.37 4.25
CA ALA A 77 -3.22 13.24 2.84
C ALA A 77 -2.19 12.48 2.01
N HIS A 78 -2.63 11.86 0.91
CA HIS A 78 -1.63 11.47 -0.10
C HIS A 78 -0.97 12.71 -0.66
N LEU A 79 0.36 12.71 -0.71
CA LEU A 79 1.10 13.85 -1.21
C LEU A 79 1.30 13.63 -2.73
N LEU A 80 0.43 14.25 -3.50
CA LEU A 80 0.42 14.06 -4.98
C LEU A 80 1.72 14.32 -5.72
N PRO A 81 2.54 15.29 -5.26
CA PRO A 81 3.82 15.49 -5.96
C PRO A 81 4.83 14.34 -5.85
N HIS A 82 4.56 13.35 -4.98
CA HIS A 82 5.55 12.31 -4.67
C HIS A 82 5.34 10.97 -5.42
N GLN A 83 4.30 10.87 -6.26
CA GLN A 83 3.88 9.61 -6.91
CA GLN A 83 4.05 9.62 -6.96
C GLN A 83 3.51 9.86 -8.36
N HIS A 84 3.68 8.85 -9.22
CA HIS A 84 3.07 8.90 -10.54
C HIS A 84 1.56 8.85 -10.37
N PRO A 85 0.83 9.83 -10.98
CA PRO A 85 -0.62 9.91 -10.79
C PRO A 85 -1.41 8.73 -11.31
N ALA A 86 -0.97 8.06 -12.39
CA ALA A 86 -1.69 6.86 -12.85
C ALA A 86 -1.55 5.69 -11.84
N LYS A 87 -0.36 5.49 -11.33
CA LYS A 87 -0.13 4.47 -10.28
C LYS A 87 -0.99 4.76 -9.05
N LEU A 88 -0.98 6.01 -8.60
CA LEU A 88 -1.77 6.44 -7.44
C LEU A 88 -3.28 6.30 -7.70
N ALA A 89 -3.73 6.77 -8.87
CA ALA A 89 -5.17 6.66 -9.18
C ALA A 89 -5.66 5.22 -9.16
N THR A 90 -4.86 4.30 -9.72
CA THR A 90 -5.22 2.88 -9.78
C THR A 90 -5.34 2.28 -8.36
N MET A 91 -4.37 2.59 -7.50
CA MET A 91 -4.36 2.09 -6.11
C MET A 91 -5.58 2.62 -5.36
N ILE A 92 -5.86 3.91 -5.49
CA ILE A 92 -7.02 4.52 -4.82
C ILE A 92 -8.33 3.84 -5.25
N GLY A 93 -8.52 3.66 -6.56
CA GLY A 93 -9.73 2.98 -7.04
C GLY A 93 -9.87 1.55 -6.53
N TRP A 94 -8.76 0.81 -6.51
CA TRP A 94 -8.82 -0.58 -6.13
C TRP A 94 -9.11 -0.68 -4.62
N LEU A 95 -8.45 0.16 -3.85
CA LEU A 95 -8.63 0.16 -2.37
C LEU A 95 -10.06 0.59 -2.02
N SER A 96 -10.57 1.62 -2.71
CA SER A 96 -11.99 2.03 -2.60
C SER A 96 -12.91 0.84 -2.88
N GLN A 97 -12.60 0.06 -3.93
CA GLN A 97 -13.37 -1.16 -4.20
C GLN A 97 -13.30 -2.19 -3.08
N ILE A 98 -12.09 -2.43 -2.53
CA ILE A 98 -11.91 -3.43 -1.46
CA ILE A 98 -11.88 -3.39 -1.44
C ILE A 98 -12.78 -3.05 -0.26
N LEU A 99 -12.83 -1.76 0.04
CA LEU A 99 -13.59 -1.20 1.15
C LEU A 99 -15.10 -1.00 0.83
N GLU A 100 -15.51 -1.32 -0.39
CA GLU A 100 -16.88 -1.10 -0.84
C GLU A 100 -17.34 0.33 -0.57
N GLY A 101 -16.46 1.28 -0.85
CA GLY A 101 -16.75 2.70 -0.74
C GLY A 101 -16.65 3.33 0.63
N ARG A 102 -16.24 2.55 1.65
CA ARG A 102 -15.95 3.11 2.97
C ARG A 102 -14.61 3.79 2.92
N TYR A 103 -14.51 4.84 2.09
CA TYR A 103 -13.22 5.41 1.75
C TYR A 103 -13.44 6.83 1.31
N PHE A 104 -12.53 7.74 1.66
CA PHE A 104 -12.43 9.00 0.95
C PHE A 104 -10.99 9.41 0.86
N LEU A 105 -10.70 10.41 0.03
CA LEU A 105 -9.34 10.73 -0.36
C LEU A 105 -8.89 12.13 0.05
N GLY A 106 -7.91 12.18 0.96
CA GLY A 106 -7.23 13.44 1.24
C GLY A 106 -6.09 13.64 0.28
N ILE A 107 -5.99 14.84 -0.31
CA ILE A 107 -4.82 15.19 -1.15
C ILE A 107 -4.08 16.39 -0.61
N GLY A 108 -2.78 16.48 -0.86
CA GLY A 108 -2.02 17.65 -0.44
C GLY A 108 -0.69 17.74 -1.12
N ALA A 109 0.02 18.83 -0.85
CA ALA A 109 1.31 19.15 -1.47
C ALA A 109 2.48 18.61 -0.68
N GLY A 110 2.33 18.60 0.65
CA GLY A 110 3.43 18.26 1.56
C GLY A 110 4.12 19.50 2.11
N ALA A 111 4.22 19.56 3.43
CA ALA A 111 4.78 20.71 4.15
C ALA A 111 6.20 20.47 4.66
N TYR A 112 6.82 19.35 4.30
CA TYR A 112 8.16 19.03 4.80
C TYR A 112 9.18 19.02 3.66
N PRO A 113 10.03 20.06 3.56
CA PRO A 113 11.01 20.14 2.48
CA PRO A 113 10.97 20.10 2.45
C PRO A 113 11.99 18.97 2.39
N GLN A 114 12.34 18.34 3.52
CA GLN A 114 13.25 17.19 3.50
CA GLN A 114 13.25 17.20 3.47
C GLN A 114 12.63 16.06 2.67
N ALA A 115 11.32 15.86 2.82
CA ALA A 115 10.59 14.83 2.05
C ALA A 115 10.40 15.25 0.58
N SER A 116 10.05 16.51 0.35
CA SER A 116 9.98 17.07 -1.02
C SER A 116 11.28 16.81 -1.81
N TYR A 117 12.41 17.10 -1.15
CA TYR A 117 13.75 16.88 -1.70
C TYR A 117 13.96 15.41 -2.12
N MET A 118 13.57 14.46 -1.27
CA MET A 118 13.69 13.03 -1.57
CA MET A 118 13.70 13.02 -1.58
C MET A 118 13.02 12.69 -2.90
N HIS A 119 11.89 13.33 -3.16
CA HIS A 119 11.11 13.08 -4.33
C HIS A 119 11.44 14.02 -5.51
N GLY A 120 12.62 14.65 -5.44
CA GLY A 120 13.14 15.41 -6.59
C GLY A 120 12.72 16.85 -6.68
N ILE A 121 12.12 17.39 -5.60
CA ILE A 121 11.64 18.76 -5.60
C ILE A 121 12.53 19.57 -4.66
N ARG A 122 13.40 20.40 -5.24
CA ARG A 122 14.34 21.20 -4.45
CA ARG A 122 14.34 21.19 -4.44
C ARG A 122 13.81 22.61 -4.23
N ASN A 123 14.20 23.21 -3.10
CA ASN A 123 13.73 24.56 -2.69
C ASN A 123 12.22 24.64 -2.54
N ALA A 124 11.66 23.67 -1.79
CA ALA A 124 10.21 23.44 -1.70
C ALA A 124 9.37 24.63 -1.21
N GLY A 125 9.85 25.31 -0.17
CA GLY A 125 9.14 26.46 0.41
C GLY A 125 10.05 27.62 0.73
N THR A 136 12.80 25.94 -10.91
CA THR A 136 12.29 25.25 -9.73
C THR A 136 10.90 24.67 -10.01
N LYS A 137 10.56 23.59 -9.30
CA LYS A 137 9.26 22.97 -9.40
C LYS A 137 8.27 23.59 -8.40
N ASN A 138 7.00 23.64 -8.76
CA ASN A 138 6.00 24.20 -7.86
C ASN A 138 5.06 23.11 -7.32
N LEU A 139 5.07 22.89 -6.01
CA LEU A 139 4.29 21.79 -5.41
C LEU A 139 2.79 21.91 -5.69
N ASN A 140 2.22 23.11 -5.58
CA ASN A 140 0.77 23.28 -5.84
C ASN A 140 0.37 23.01 -7.30
N ASP A 141 1.23 23.40 -8.23
CA ASP A 141 1.02 23.07 -9.65
C ASP A 141 1.10 21.55 -9.87
N MET A 142 2.06 20.91 -9.20
CA MET A 142 2.14 19.45 -9.16
C MET A 142 0.85 18.80 -8.66
N VAL A 143 0.29 19.32 -7.56
CA VAL A 143 -1.00 18.82 -7.06
C VAL A 143 -2.10 18.93 -8.11
N ARG A 144 -2.17 20.07 -8.79
CA ARG A 144 -3.19 20.32 -9.82
CA ARG A 144 -3.21 20.30 -9.82
C ARG A 144 -3.09 19.34 -11.00
N GLU A 145 -1.88 19.15 -11.51
CA GLU A 145 -1.67 18.27 -12.67
C GLU A 145 -1.98 16.83 -12.29
N SER A 146 -1.54 16.42 -11.09
CA SER A 146 -1.83 15.04 -10.66
C SER A 146 -3.32 14.81 -10.58
N LEU A 147 -4.04 15.70 -9.93
CA LEU A 147 -5.48 15.54 -9.78
C LEU A 147 -6.18 15.53 -11.14
N PHE A 148 -5.73 16.42 -12.03
CA PHE A 148 -6.25 16.46 -13.41
C PHE A 148 -6.15 15.08 -14.05
N ILE A 149 -4.95 14.47 -13.97
CA ILE A 149 -4.71 13.10 -14.49
C ILE A 149 -5.54 12.02 -13.80
N MET A 150 -5.53 12.00 -12.44
CA MET A 150 -6.23 10.94 -11.73
C MET A 150 -7.72 10.91 -12.02
N GLU A 151 -8.36 12.07 -12.05
CA GLU A 151 -9.80 12.12 -12.36
C GLU A 151 -10.10 11.52 -13.74
N LYS A 152 -9.18 11.73 -14.69
CA LYS A 152 -9.39 11.15 -16.04
C LYS A 152 -9.14 9.63 -16.05
N ILE A 153 -8.18 9.16 -15.26
CA ILE A 153 -7.98 7.72 -15.15
CA ILE A 153 -7.95 7.72 -15.11
C ILE A 153 -9.22 7.07 -14.55
N TRP A 154 -9.80 7.67 -13.51
CA TRP A 154 -11.01 7.11 -12.88
C TRP A 154 -12.19 7.02 -13.84
N LYS A 155 -12.26 7.97 -14.78
CA LYS A 155 -13.32 7.99 -15.80
C LYS A 155 -13.18 6.89 -16.86
N ARG A 156 -11.98 6.39 -17.05
CA ARG A 156 -11.72 5.28 -17.97
C ARG A 156 -12.10 5.61 -19.44
N GLU A 157 -11.92 6.86 -19.83
CA GLU A 157 -12.05 7.28 -21.22
CA GLU A 157 -12.05 7.26 -21.21
C GLU A 157 -10.66 7.53 -21.77
N PRO A 158 -10.38 7.04 -22.99
CA PRO A 158 -9.02 7.19 -23.53
C PRO A 158 -8.53 8.64 -23.61
N PHE A 159 -7.27 8.84 -23.24
CA PHE A 159 -6.56 10.10 -23.39
C PHE A 159 -5.08 9.82 -23.26
N PHE A 160 -4.26 10.77 -23.66
CA PHE A 160 -2.86 10.76 -23.26
C PHE A 160 -2.48 12.18 -22.91
N HIS A 161 -1.70 12.34 -21.85
CA HIS A 161 -1.38 13.66 -21.35
C HIS A 161 0.12 13.80 -21.23
N GLU A 162 0.67 14.81 -21.90
CA GLU A 162 2.09 15.13 -21.82
C GLU A 162 2.21 16.39 -20.99
N GLY A 163 2.43 16.24 -19.69
CA GLY A 163 2.35 17.37 -18.81
C GLY A 163 3.69 17.95 -18.47
N LYS A 164 3.69 18.96 -17.60
CA LYS A 164 4.93 19.57 -17.14
CA LYS A 164 4.93 19.57 -17.14
C LYS A 164 5.68 18.63 -16.20
N TYR A 165 4.91 17.82 -15.46
CA TYR A 165 5.51 16.99 -14.42
C TYR A 165 5.42 15.49 -14.69
N TRP A 166 4.35 15.07 -15.35
CA TRP A 166 4.21 13.65 -15.70
C TRP A 166 3.67 13.41 -17.10
N ASP A 167 4.00 12.26 -17.66
CA ASP A 167 3.25 11.70 -18.78
C ASP A 167 2.32 10.60 -18.24
N ALA A 168 1.08 10.60 -18.70
CA ALA A 168 0.11 9.60 -18.25
C ALA A 168 -1.01 9.49 -19.24
N GLY A 169 -1.78 8.40 -19.19
CA GLY A 169 -2.94 8.29 -20.04
C GLY A 169 -3.83 7.10 -19.74
N TYR A 170 -4.84 6.92 -20.58
CA TYR A 170 -5.70 5.75 -20.47
C TYR A 170 -5.84 5.15 -21.87
N PRO A 171 -5.54 3.83 -22.03
CA PRO A 171 -5.45 3.25 -23.37
C PRO A 171 -6.79 2.87 -23.98
N GLU A 172 -6.80 2.76 -25.30
CA GLU A 172 -7.96 2.24 -26.02
CA GLU A 172 -7.94 2.23 -26.05
C GLU A 172 -7.95 0.72 -25.86
N GLU A 173 -9.13 0.11 -25.84
CA GLU A 173 -9.24 -1.35 -25.85
C GLU A 173 -8.57 -1.90 -27.11
N LEU A 174 -7.96 -3.08 -27.02
CA LEU A 174 -7.31 -3.70 -28.18
C LEU A 174 -8.34 -4.23 -29.19
N GLU A 175 -7.97 -4.20 -30.47
CA GLU A 175 -8.88 -4.61 -31.55
C GLU A 175 -8.48 -5.95 -32.14
N ASP A 180 -15.30 -11.14 -25.83
CA ASP A 180 -14.85 -11.91 -24.67
C ASP A 180 -14.39 -10.96 -23.57
N GLU A 181 -15.21 -10.86 -22.52
CA GLU A 181 -14.96 -9.97 -21.38
CA GLU A 181 -14.95 -9.96 -21.39
C GLU A 181 -13.53 -10.08 -20.83
N GLN A 182 -13.02 -11.30 -20.75
CA GLN A 182 -11.69 -11.61 -20.17
C GLN A 182 -10.50 -10.89 -20.81
N HIS A 183 -10.70 -10.30 -21.98
CA HIS A 183 -9.63 -9.60 -22.69
C HIS A 183 -9.77 -8.07 -22.71
N LYS A 184 -10.93 -7.57 -22.28
CA LYS A 184 -11.13 -6.13 -22.08
CA LYS A 184 -11.11 -6.13 -22.10
C LYS A 184 -10.20 -5.61 -20.98
N LEU A 185 -10.05 -4.29 -20.89
CA LEU A 185 -9.24 -3.69 -19.81
C LEU A 185 -9.83 -3.92 -18.41
N ALA A 186 -8.97 -4.11 -17.41
CA ALA A 186 -9.38 -4.10 -15.99
C ALA A 186 -10.16 -2.84 -15.62
N ASP A 187 -11.03 -2.97 -14.62
CA ASP A 187 -11.73 -1.81 -14.10
C ASP A 187 -11.30 -1.58 -12.66
N PHE A 188 -10.38 -0.62 -12.45
CA PHE A 188 -9.97 -0.20 -11.10
C PHE A 188 -10.51 1.18 -10.72
N SER A 189 -11.70 1.54 -11.22
CA SER A 189 -12.32 2.82 -10.91
C SER A 189 -12.80 2.71 -9.45
N PRO A 190 -12.90 3.85 -8.72
CA PRO A 190 -13.34 3.78 -7.33
C PRO A 190 -14.79 3.30 -7.23
N TRP A 191 -15.23 2.93 -6.03
CA TRP A 191 -16.56 2.34 -5.78
C TRP A 191 -17.68 3.13 -6.50
N GLY A 192 -18.55 2.43 -7.23
CA GLY A 192 -19.62 3.08 -8.01
C GLY A 192 -19.15 3.73 -9.30
N GLY A 193 -17.88 3.56 -9.65
CA GLY A 193 -17.34 4.04 -10.92
C GLY A 193 -17.04 5.52 -10.99
N LYS A 194 -17.09 6.19 -9.85
CA LYS A 194 -16.91 7.64 -9.78
CA LYS A 194 -16.91 7.64 -9.78
C LYS A 194 -15.75 7.99 -8.86
N ALA A 195 -15.21 9.20 -9.02
CA ALA A 195 -14.15 9.70 -8.14
C ALA A 195 -14.58 9.55 -6.69
N PRO A 196 -13.62 9.29 -5.77
CA PRO A 196 -14.03 9.32 -4.36
C PRO A 196 -14.28 10.76 -3.94
N GLU A 197 -14.99 10.95 -2.83
CA GLU A 197 -15.03 12.28 -2.24
C GLU A 197 -13.60 12.68 -1.87
N ILE A 198 -13.24 13.93 -2.15
CA ILE A 198 -11.87 14.43 -1.97
C ILE A 198 -11.85 15.46 -0.83
N ALA A 199 -10.85 15.34 0.06
CA ALA A 199 -10.67 16.26 1.17
C ALA A 199 -9.33 16.96 1.10
N VAL A 200 -9.27 18.17 1.68
CA VAL A 200 -8.02 18.89 1.82
CA VAL A 200 -8.04 18.95 1.79
C VAL A 200 -7.96 19.49 3.23
N THR A 201 -6.75 19.64 3.77
CA THR A 201 -6.57 20.19 5.10
CA THR A 201 -6.56 20.18 5.11
C THR A 201 -6.04 21.60 5.00
N GLY A 202 -6.56 22.49 5.85
CA GLY A 202 -6.04 23.86 5.96
C GLY A 202 -5.47 24.14 7.33
N PHE A 203 -4.38 24.92 7.38
CA PHE A 203 -3.87 25.37 8.67
CA PHE A 203 -3.76 25.35 8.64
C PHE A 203 -3.79 26.89 8.80
N SER A 204 -3.33 27.59 7.76
CA SER A 204 -3.16 29.04 7.84
C SER A 204 -4.50 29.78 7.96
N TYR A 205 -4.43 31.01 8.48
CA TYR A 205 -5.61 31.84 8.76
C TYR A 205 -6.44 32.09 7.51
N ASN A 206 -5.81 32.72 6.52
CA ASN A 206 -6.41 32.91 5.20
CA ASN A 206 -6.42 32.92 5.20
C ASN A 206 -5.99 31.77 4.29
N SER A 207 -6.71 30.65 4.38
CA SER A 207 -6.30 29.38 3.77
C SER A 207 -6.58 29.19 2.27
N PRO A 208 -5.51 29.15 1.45
CA PRO A 208 -5.65 28.82 0.02
C PRO A 208 -6.25 27.43 -0.19
N SER A 209 -5.95 26.50 0.73
CA SER A 209 -6.54 25.16 0.71
C SER A 209 -8.05 25.22 0.95
N MET A 210 -8.48 26.07 1.89
CA MET A 210 -9.91 26.25 2.13
C MET A 210 -10.63 26.83 0.91
N ARG A 211 -9.96 27.76 0.22
CA ARG A 211 -10.50 28.36 -1.01
CA ARG A 211 -10.53 28.34 -1.00
C ARG A 211 -10.61 27.32 -2.12
N LEU A 212 -9.54 26.55 -2.32
CA LEU A 212 -9.55 25.49 -3.35
C LEU A 212 -10.63 24.46 -3.07
N ALA A 213 -10.80 24.09 -1.80
CA ALA A 213 -11.79 23.09 -1.41
C ALA A 213 -13.19 23.61 -1.73
N GLY A 214 -13.45 24.88 -1.39
CA GLY A 214 -14.70 25.56 -1.72
C GLY A 214 -15.00 25.55 -3.21
N GLU A 215 -14.03 26.02 -3.99
CA GLU A 215 -14.15 26.07 -5.45
CA GLU A 215 -14.13 26.07 -5.46
C GLU A 215 -14.54 24.73 -6.05
N ARG A 216 -13.92 23.65 -5.55
CA ARG A 216 -14.08 22.32 -6.14
CA ARG A 216 -14.07 22.31 -6.13
C ARG A 216 -15.12 21.44 -5.42
N ASN A 217 -15.73 21.98 -4.37
CA ASN A 217 -16.71 21.24 -3.60
C ASN A 217 -16.07 20.05 -2.84
N PHE A 218 -14.80 20.20 -2.49
CA PHE A 218 -14.10 19.20 -1.66
C PHE A 218 -14.52 19.29 -0.19
N LYS A 219 -14.20 18.25 0.58
CA LYS A 219 -14.43 18.23 2.02
C LYS A 219 -13.34 19.04 2.73
N PRO A 220 -13.72 20.06 3.54
CA PRO A 220 -12.69 20.81 4.25
C PRO A 220 -12.30 20.15 5.60
N VAL A 221 -11.01 20.13 5.91
CA VAL A 221 -10.53 19.57 7.18
C VAL A 221 -9.67 20.66 7.81
N SER A 222 -9.99 21.04 9.05
CA SER A 222 -9.23 22.06 9.74
C SER A 222 -8.61 21.49 11.00
N ILE A 223 -7.40 21.94 11.31
CA ILE A 223 -6.78 21.65 12.60
CA ILE A 223 -6.78 21.65 12.60
C ILE A 223 -7.13 22.81 13.53
N PHE A 224 -7.77 22.52 14.67
CA PHE A 224 -8.22 23.62 15.54
C PHE A 224 -7.04 24.41 16.06
N SER A 225 -7.04 25.71 15.78
CA SER A 225 -5.94 26.59 16.16
C SER A 225 -6.42 27.90 16.79
N GLY A 226 -7.69 27.94 17.21
CA GLY A 226 -8.30 29.16 17.76
C GLY A 226 -9.62 29.50 17.06
N LEU A 227 -10.46 30.28 17.75
CA LEU A 227 -11.80 30.62 17.26
C LEU A 227 -11.80 31.42 15.97
N ASP A 228 -10.89 32.39 15.86
CA ASP A 228 -10.83 33.27 14.70
C ASP A 228 -10.50 32.51 13.43
N ALA A 229 -9.43 31.71 13.47
CA ALA A 229 -9.02 30.89 12.34
C ALA A 229 -10.12 29.93 11.94
N LEU A 230 -10.79 29.33 12.92
CA LEU A 230 -11.85 28.39 12.59
C LEU A 230 -12.96 29.09 11.81
N LYS A 231 -13.33 30.29 12.26
CA LYS A 231 -14.34 31.06 11.56
C LYS A 231 -13.83 31.55 10.21
N ARG A 232 -12.59 32.04 10.16
CA ARG A 232 -11.99 32.46 8.88
C ARG A 232 -11.96 31.31 7.85
N HIS A 233 -11.65 30.10 8.31
CA HIS A 233 -11.65 28.91 7.45
C HIS A 233 -13.02 28.73 6.79
N TRP A 234 -14.08 28.77 7.59
CA TRP A 234 -15.42 28.60 7.03
C TRP A 234 -15.84 29.77 6.12
N GLU A 235 -15.48 31.00 6.48
CA GLU A 235 -15.68 32.17 5.62
CA GLU A 235 -15.68 32.17 5.62
C GLU A 235 -15.08 31.93 4.23
N VAL A 236 -13.78 31.60 4.19
CA VAL A 236 -13.05 31.43 2.93
C VAL A 236 -13.66 30.30 2.11
N TYR A 237 -13.95 29.18 2.76
CA TYR A 237 -14.53 28.01 2.09
C TYR A 237 -15.89 28.29 1.48
N SER A 238 -16.80 28.86 2.29
CA SER A 238 -18.17 29.11 1.84
CA SER A 238 -18.17 29.12 1.85
C SER A 238 -18.23 30.12 0.71
N GLU A 239 -17.40 31.16 0.81
CA GLU A 239 -17.36 32.20 -0.22
CA GLU A 239 -17.32 32.21 -0.22
C GLU A 239 -16.91 31.62 -1.55
N ALA A 240 -15.87 30.78 -1.53
CA ALA A 240 -15.40 30.07 -2.72
C ALA A 240 -16.46 29.12 -3.24
N ALA A 241 -17.10 28.38 -2.35
CA ALA A 241 -18.18 27.45 -2.73
C ALA A 241 -19.36 28.15 -3.43
N ILE A 242 -19.90 29.19 -2.80
CA ILE A 242 -21.03 29.93 -3.38
CA ILE A 242 -21.04 29.92 -3.37
C ILE A 242 -20.65 30.54 -4.73
N GLU A 243 -19.48 31.16 -4.79
CA GLU A 243 -18.98 31.76 -6.02
C GLU A 243 -18.86 30.77 -7.19
N ALA A 244 -18.45 29.54 -6.87
CA ALA A 244 -18.35 28.47 -7.87
C ALA A 244 -19.69 27.78 -8.10
N GLY A 245 -20.68 28.11 -7.27
CA GLY A 245 -22.03 27.61 -7.47
C GLY A 245 -22.40 26.34 -6.74
N HIS A 246 -21.76 26.06 -5.60
CA HIS A 246 -22.14 24.92 -4.75
C HIS A 246 -22.78 25.46 -3.48
N THR A 247 -23.57 24.61 -2.82
CA THR A 247 -24.14 24.97 -1.53
CA THR A 247 -24.13 24.98 -1.53
C THR A 247 -23.22 24.45 -0.40
N PRO A 248 -22.56 25.37 0.34
CA PRO A 248 -21.65 24.88 1.39
C PRO A 248 -22.41 24.14 2.49
N ASP A 249 -21.88 22.97 2.90
CA ASP A 249 -22.50 22.11 3.90
C ASP A 249 -21.57 21.94 5.12
N ARG A 250 -21.95 22.54 6.24
CA ARG A 250 -21.16 22.48 7.47
CA ARG A 250 -21.16 22.49 7.47
C ARG A 250 -20.90 21.07 7.98
N SER A 251 -21.84 20.16 7.72
CA SER A 251 -21.71 18.80 8.22
C SER A 251 -20.55 18.02 7.56
N ARG A 252 -20.01 18.54 6.47
CA ARG A 252 -18.87 17.94 5.78
C ARG A 252 -17.55 18.44 6.39
N HIS A 253 -17.61 19.56 7.12
CA HIS A 253 -16.44 20.12 7.77
C HIS A 253 -15.96 19.21 8.90
N ALA A 254 -14.69 18.82 8.85
CA ALA A 254 -14.06 18.03 9.91
C ALA A 254 -13.03 18.87 10.62
N VAL A 255 -13.05 18.83 11.95
CA VAL A 255 -12.17 19.68 12.74
C VAL A 255 -11.44 18.80 13.75
N SER A 256 -10.11 18.88 13.71
CA SER A 256 -9.25 18.06 14.56
CA SER A 256 -9.31 18.05 14.59
C SER A 256 -8.98 18.76 15.90
N HIS A 257 -9.17 18.03 16.99
CA HIS A 257 -8.98 18.52 18.35
C HIS A 257 -8.24 17.46 19.14
N THR A 258 -7.49 17.90 20.15
CA THR A 258 -6.98 17.01 21.18
C THR A 258 -8.11 16.83 22.20
N VAL A 259 -8.52 15.58 22.41
CA VAL A 259 -9.76 15.25 23.13
C VAL A 259 -9.50 14.08 24.05
N PHE A 260 -9.82 14.26 25.33
CA PHE A 260 -9.74 13.14 26.27
C PHE A 260 -10.88 13.20 27.30
N CYS A 261 -11.54 12.05 27.48
CA CYS A 261 -12.70 11.94 28.33
CA CYS A 261 -12.69 11.94 28.36
C CYS A 261 -12.51 10.86 29.40
N ALA A 262 -12.99 11.14 30.61
CA ALA A 262 -12.99 10.18 31.70
C ALA A 262 -14.23 10.41 32.58
N ASP A 263 -14.36 9.62 33.65
CA ASP A 263 -15.51 9.72 34.56
CA ASP A 263 -15.50 9.71 34.58
C ASP A 263 -15.65 11.10 35.21
N THR A 264 -14.53 11.69 35.63
CA THR A 264 -14.52 13.02 36.25
C THR A 264 -13.50 13.95 35.60
N ASP A 265 -13.75 15.25 35.71
CA ASP A 265 -12.83 16.28 35.24
C ASP A 265 -11.43 16.15 35.81
N LYS A 266 -11.37 15.72 37.07
CA LYS A 266 -10.10 15.61 37.77
CA LYS A 266 -10.10 15.60 37.79
C LYS A 266 -9.22 14.51 37.17
N GLU A 267 -9.79 13.34 36.92
CA GLU A 267 -8.96 12.26 36.38
CA GLU A 267 -8.99 12.24 36.37
C GLU A 267 -8.67 12.41 34.87
N ALA A 268 -9.58 13.03 34.14
CA ALA A 268 -9.34 13.33 32.72
C ALA A 268 -8.13 14.25 32.57
N LYS A 269 -8.13 15.36 33.31
CA LYS A 269 -6.98 16.27 33.32
C LYS A 269 -5.69 15.55 33.72
N ARG A 270 -5.76 14.73 34.78
CA ARG A 270 -4.60 14.01 35.29
CA ARG A 270 -4.58 14.04 35.28
C ARG A 270 -4.02 13.05 34.25
N LEU A 271 -4.90 12.29 33.61
CA LEU A 271 -4.50 11.32 32.60
C LEU A 271 -3.81 11.99 31.39
N VAL A 272 -4.31 13.17 31.02
CA VAL A 272 -3.69 13.99 29.97
C VAL A 272 -2.33 14.50 30.42
N MET A 273 -2.28 15.16 31.58
CA MET A 273 -1.04 15.74 32.09
CA MET A 273 -1.05 15.74 32.09
C MET A 273 0.05 14.70 32.29
N GLU A 274 -0.33 13.54 32.80
CA GLU A 274 0.62 12.52 33.19
C GLU A 274 0.81 11.41 32.17
N GLY A 275 -0.01 11.40 31.11
CA GLY A 275 0.05 10.32 30.12
C GLY A 275 0.70 10.65 28.77
N PRO A 276 0.48 9.79 27.75
CA PRO A 276 1.02 9.92 26.39
C PRO A 276 0.80 11.31 25.75
N ILE A 277 -0.38 11.88 25.93
CA ILE A 277 -0.71 13.20 25.35
C ILE A 277 0.19 14.30 25.92
N GLY A 278 0.22 14.43 27.25
CA GLY A 278 1.09 15.41 27.88
C GLY A 278 2.54 15.19 27.53
N TYR A 279 2.97 13.93 27.43
CA TYR A 279 4.34 13.60 27.04
C TYR A 279 4.71 14.12 25.65
N CYS A 280 3.83 13.86 24.67
CA CYS A 280 4.08 14.28 23.28
C CYS A 280 4.14 15.79 23.19
N PHE A 281 3.14 16.45 23.77
CA PHE A 281 3.09 17.92 23.79
C PHE A 281 4.29 18.56 24.46
N GLU A 282 4.66 18.08 25.64
CA GLU A 282 5.82 18.60 26.37
C GLU A 282 7.13 18.39 25.64
N ARG A 283 7.34 17.20 25.10
CA ARG A 283 8.62 16.88 24.49
C ARG A 283 8.76 17.39 23.06
N TYR A 284 7.65 17.40 22.33
CA TYR A 284 7.71 17.54 20.87
C TYR A 284 6.93 18.74 20.37
N LEU A 285 5.62 18.76 20.61
CA LEU A 285 4.74 19.74 19.96
C LEU A 285 4.86 21.17 20.48
N ILE A 286 4.88 21.34 21.81
CA ILE A 286 4.89 22.68 22.39
C ILE A 286 6.12 23.46 21.93
N PRO A 287 7.34 22.89 22.04
CA PRO A 287 8.50 23.66 21.58
C PRO A 287 8.40 24.11 20.12
N ILE A 288 7.80 23.29 19.26
CA ILE A 288 7.59 23.64 17.85
C ILE A 288 6.55 24.75 17.74
N TRP A 289 5.39 24.54 18.34
CA TRP A 289 4.29 25.49 18.30
C TRP A 289 4.71 26.86 18.83
N ARG A 290 5.49 26.87 19.92
CA ARG A 290 5.98 28.12 20.48
CA ARG A 290 6.01 28.10 20.50
C ARG A 290 6.95 28.82 19.53
N ARG A 291 7.86 28.06 18.93
CA ARG A 291 8.84 28.64 17.99
C ARG A 291 8.19 29.32 16.79
N PHE A 292 7.05 28.81 16.32
CA PHE A 292 6.39 29.35 15.14
C PHE A 292 5.09 30.07 15.48
N GLY A 293 5.00 30.54 16.73
CA GLY A 293 3.86 31.31 17.22
C GLY A 293 2.51 30.70 16.96
N MET A 294 2.45 29.37 16.99
CA MET A 294 1.22 28.66 16.65
C MET A 294 0.20 28.60 17.78
N MET A 295 0.55 29.11 18.95
CA MET A 295 -0.41 29.19 20.05
C MET A 295 -1.01 30.58 20.28
N ASP A 296 -0.79 31.48 19.32
CA ASP A 296 -1.26 32.86 19.38
C ASP A 296 -2.79 32.97 19.32
N GLY A 297 -3.41 32.14 18.50
CA GLY A 297 -4.87 32.07 18.46
C GLY A 297 -5.45 31.62 19.79
N TYR A 298 -4.81 30.63 20.40
CA TYR A 298 -5.24 30.12 21.70
C TYR A 298 -5.06 31.19 22.79
N ALA A 299 -3.93 31.90 22.74
CA ALA A 299 -3.58 32.95 23.68
C ALA A 299 -4.55 34.13 23.55
N LYS A 300 -4.78 34.57 22.31
CA LYS A 300 -5.75 35.60 22.00
C LYS A 300 -7.11 35.23 22.60
N ASP A 301 -7.52 33.97 22.38
CA ASP A 301 -8.82 33.49 22.85
C ASP A 301 -9.02 33.56 24.36
N ALA A 302 -7.99 33.21 25.11
CA ALA A 302 -8.10 33.13 26.57
C ALA A 302 -7.58 34.40 27.25
N GLY A 303 -7.09 35.34 26.45
CA GLY A 303 -6.68 36.66 26.93
C GLY A 303 -5.30 36.71 27.54
N ILE A 304 -4.60 35.57 27.57
CA ILE A 304 -3.24 35.53 28.11
C ILE A 304 -2.22 35.92 27.06
N ASP A 305 -0.96 35.99 27.47
CA ASP A 305 0.16 36.22 26.56
C ASP A 305 0.69 34.87 26.08
N PRO A 306 1.00 34.75 24.77
CA PRO A 306 1.57 33.53 24.17
C PRO A 306 2.76 32.93 24.93
N VAL A 307 3.61 33.81 25.47
CA VAL A 307 4.78 33.38 26.26
CA VAL A 307 4.77 33.39 26.26
C VAL A 307 4.35 32.52 27.46
N ASP A 308 3.11 32.68 27.90
CA ASP A 308 2.58 31.94 29.05
CA ASP A 308 2.60 31.92 29.04
C ASP A 308 1.81 30.66 28.65
N ALA A 309 1.84 30.32 27.36
CA ALA A 309 1.16 29.11 26.88
C ALA A 309 2.02 27.87 27.14
N ASP A 310 1.60 27.07 28.11
CA ASP A 310 2.28 25.82 28.43
C ASP A 310 1.24 24.68 28.46
N LEU A 311 1.67 23.50 28.88
CA LEU A 311 0.83 22.31 28.84
C LEU A 311 -0.49 22.51 29.58
N GLU A 312 -0.41 22.95 30.83
CA GLU A 312 -1.60 23.13 31.66
C GLU A 312 -2.55 24.17 31.09
N PHE A 313 -2.01 25.23 30.50
CA PHE A 313 -2.85 26.18 29.80
C PHE A 313 -3.67 25.50 28.70
N LEU A 314 -2.99 24.69 27.89
CA LEU A 314 -3.65 23.94 26.79
C LEU A 314 -4.70 22.98 27.34
N VAL A 315 -4.34 22.22 28.37
CA VAL A 315 -5.28 21.29 28.99
C VAL A 315 -6.52 21.98 29.55
N ASP A 316 -6.34 23.15 30.15
CA ASP A 316 -7.43 23.89 30.79
C ASP A 316 -8.34 24.70 29.85
N ASN A 317 -7.77 25.22 28.77
CA ASN A 317 -8.46 26.22 27.96
C ASN A 317 -8.64 25.86 26.48
N VAL A 318 -7.85 24.91 25.97
CA VAL A 318 -7.84 24.56 24.55
C VAL A 318 -8.37 23.14 24.30
N PHE A 319 -7.70 22.15 24.87
CA PHE A 319 -8.07 20.75 24.68
C PHE A 319 -9.48 20.52 25.13
N LEU A 320 -10.15 19.59 24.49
CA LEU A 320 -11.49 19.21 24.89
C LEU A 320 -11.38 18.07 25.88
N VAL A 321 -11.10 18.42 27.15
CA VAL A 321 -10.82 17.47 28.24
C VAL A 321 -11.79 17.61 29.44
N GLY A 322 -12.17 16.48 30.03
CA GLY A 322 -13.05 16.47 31.19
C GLY A 322 -13.95 15.24 31.24
N SER A 323 -15.04 15.34 32.00
CA SER A 323 -16.06 14.29 32.04
C SER A 323 -16.92 14.45 30.79
N PRO A 324 -17.76 13.43 30.49
CA PRO A 324 -18.67 13.54 29.36
C PRO A 324 -19.47 14.84 29.32
N ASP A 325 -19.97 15.29 30.48
CA ASP A 325 -20.75 16.54 30.53
C ASP A 325 -19.88 17.77 30.28
N THR A 326 -18.72 17.84 30.94
CA THR A 326 -17.76 18.94 30.74
C THR A 326 -17.34 19.09 29.26
N VAL A 327 -17.07 17.96 28.62
CA VAL A 327 -16.68 17.97 27.21
C VAL A 327 -17.87 18.39 26.32
N THR A 328 -19.05 17.85 26.63
CA THR A 328 -20.27 18.22 25.90
C THR A 328 -20.54 19.73 25.96
N GLU A 329 -20.38 20.31 27.15
CA GLU A 329 -20.61 21.74 27.33
C GLU A 329 -19.55 22.55 26.60
N LYS A 330 -18.29 22.12 26.70
CA LYS A 330 -17.18 22.75 25.97
C LYS A 330 -17.39 22.77 24.45
N ILE A 331 -17.97 21.69 23.91
CA ILE A 331 -18.26 21.63 22.47
C ILE A 331 -19.38 22.60 22.12
N ASN A 332 -20.42 22.64 22.96
CA ASN A 332 -21.54 23.57 22.78
C ASN A 332 -21.11 25.03 22.72
N ALA A 333 -20.25 25.44 23.66
CA ALA A 333 -19.64 26.77 23.64
C ALA A 333 -18.95 27.08 22.32
N LEU A 334 -18.17 26.12 21.80
CA LEU A 334 -17.52 26.29 20.51
C LEU A 334 -18.51 26.42 19.37
N PHE A 335 -19.55 25.58 19.41
CA PHE A 335 -20.61 25.58 18.41
C PHE A 335 -21.36 26.90 18.38
N GLU A 336 -21.69 27.43 19.56
CA GLU A 336 -22.32 28.74 19.67
CA GLU A 336 -22.32 28.74 19.68
C GLU A 336 -21.40 29.83 19.13
N ALA A 337 -20.10 29.70 19.39
CA ALA A 337 -19.12 30.71 18.98
C ALA A 337 -18.76 30.70 17.49
N THR A 338 -18.87 29.54 16.83
CA THR A 338 -18.37 29.39 15.44
C THR A 338 -19.41 28.90 14.43
N GLY A 339 -20.48 28.26 14.92
CA GLY A 339 -21.47 27.63 14.05
C GLY A 339 -21.35 26.11 14.06
N GLY A 340 -20.18 25.61 14.45
CA GLY A 340 -19.95 24.16 14.55
C GLY A 340 -19.32 23.50 13.33
N TRP A 341 -19.39 22.17 13.30
CA TRP A 341 -18.77 21.34 12.27
C TRP A 341 -19.44 19.98 12.28
N GLY A 342 -19.19 19.19 11.24
CA GLY A 342 -19.80 17.88 11.14
C GLY A 342 -19.10 16.73 11.86
N THR A 343 -17.76 16.76 11.90
CA THR A 343 -17.00 15.65 12.52
C THR A 343 -15.95 16.18 13.48
N LEU A 344 -15.97 15.63 14.68
CA LEU A 344 -14.93 15.95 15.65
C LEU A 344 -13.83 14.91 15.43
N GLN A 345 -12.70 15.38 14.91
CA GLN A 345 -11.65 14.46 14.49
C GLN A 345 -10.66 14.34 15.63
N VAL A 346 -10.74 13.25 16.37
CA VAL A 346 -9.91 13.06 17.56
C VAL A 346 -8.49 12.61 17.24
N GLU A 347 -7.51 13.37 17.72
CA GLU A 347 -6.09 13.05 17.51
C GLU A 347 -5.67 11.82 18.30
N ALA A 348 -5.17 10.81 17.61
CA ALA A 348 -4.73 9.58 18.27
C ALA A 348 -3.33 9.75 18.82
N HIS A 349 -3.11 9.31 20.07
CA HIS A 349 -1.78 9.37 20.64
C HIS A 349 -1.22 7.99 20.99
N ASP A 350 0.05 7.92 21.37
CA ASP A 350 0.71 6.65 21.55
C ASP A 350 0.32 5.98 22.88
N TYR A 351 -0.81 5.29 22.85
CA TYR A 351 -1.34 4.48 23.96
C TYR A 351 -1.18 2.99 23.73
N TYR A 352 -0.27 2.65 22.83
CA TYR A 352 -0.07 1.27 22.43
C TYR A 352 0.27 0.35 23.63
N ASP A 353 1.05 0.85 24.58
CA ASP A 353 1.45 0.03 25.78
C ASP A 353 0.31 -0.26 26.74
N ASP A 354 -0.65 0.64 26.83
CA ASP A 354 -1.67 0.55 27.84
C ASP A 354 -2.90 1.30 27.34
N PRO A 355 -3.66 0.68 26.43
CA PRO A 355 -4.74 1.43 25.76
C PRO A 355 -6.07 1.56 26.48
N ALA A 356 -6.27 0.83 27.57
CA ALA A 356 -7.55 0.86 28.30
C ALA A 356 -8.18 2.24 28.56
N PRO A 357 -7.42 3.20 29.16
CA PRO A 357 -8.01 4.51 29.41
C PRO A 357 -8.29 5.31 28.13
N TRP A 358 -7.51 5.06 27.09
CA TRP A 358 -7.71 5.71 25.77
C TRP A 358 -8.94 5.15 25.05
N PHE A 359 -9.04 3.83 24.98
CA PHE A 359 -10.25 3.17 24.46
C PHE A 359 -11.56 3.57 25.17
N GLN A 360 -11.52 3.66 26.51
CA GLN A 360 -12.66 4.11 27.32
CA GLN A 360 -12.67 4.10 27.29
C GLN A 360 -13.05 5.54 26.94
N SER A 361 -12.04 6.42 26.87
CA SER A 361 -12.21 7.80 26.43
C SER A 361 -12.92 7.88 25.08
N LEU A 362 -12.44 7.11 24.10
CA LEU A 362 -13.04 7.11 22.76
C LEU A 362 -14.48 6.59 22.80
N GLU A 363 -14.73 5.53 23.59
CA GLU A 363 -16.10 5.08 23.78
CA GLU A 363 -16.09 5.05 23.86
C GLU A 363 -17.00 6.17 24.37
N LEU A 364 -16.49 6.95 25.33
CA LEU A 364 -17.27 8.00 25.96
C LEU A 364 -17.62 9.12 24.97
N ILE A 365 -16.62 9.55 24.20
CA ILE A 365 -16.79 10.60 23.19
C ILE A 365 -17.83 10.17 22.16
N SER A 366 -17.67 8.96 21.63
CA SER A 366 -18.49 8.46 20.52
C SER A 366 -19.93 8.14 20.92
N LYS A 367 -20.10 7.53 22.10
CA LYS A 367 -21.41 7.08 22.58
CA LYS A 367 -21.41 7.08 22.58
C LYS A 367 -22.14 8.09 23.49
N GLU A 368 -21.39 8.81 24.32
CA GLU A 368 -21.99 9.68 25.35
CA GLU A 368 -22.01 9.68 25.34
C GLU A 368 -21.89 11.18 25.04
N VAL A 369 -20.83 11.59 24.35
CA VAL A 369 -20.66 13.01 24.07
C VAL A 369 -21.27 13.43 22.74
N ALA A 370 -20.76 12.85 21.65
CA ALA A 370 -21.12 13.31 20.31
C ALA A 370 -22.61 13.15 19.94
N PRO A 371 -23.26 12.05 20.36
CA PRO A 371 -24.69 11.94 20.04
C PRO A 371 -25.55 13.10 20.55
N LYS A 372 -25.06 13.81 21.57
CA LYS A 372 -25.79 14.93 22.16
CA LYS A 372 -25.79 14.93 22.16
C LYS A 372 -25.58 16.23 21.41
N ILE A 373 -24.48 16.33 20.67
CA ILE A 373 -24.19 17.55 19.91
C ILE A 373 -24.85 17.49 18.54
N LEU A 374 -25.88 18.32 18.34
CA LEU A 374 -26.59 18.37 17.05
C LEU A 374 -26.07 19.53 16.22
N LEU A 375 -26.18 19.43 14.90
CA LEU A 375 -25.69 20.49 14.03
C LEU A 375 -26.80 21.41 13.53
N PRO A 376 -26.73 22.71 13.91
CA PRO A 376 -27.66 23.73 13.39
C PRO A 376 -27.42 24.01 11.91
N MET B 1 19.34 -28.53 2.78
CA MET B 1 19.04 -29.86 2.15
C MET B 1 17.82 -29.81 1.22
N ALA B 2 16.62 -29.81 1.79
CA ALA B 2 15.38 -30.00 1.04
C ALA B 2 14.92 -28.79 0.21
N MET B 3 14.29 -29.09 -0.93
CA MET B 3 13.63 -28.11 -1.79
C MET B 3 12.45 -27.53 -0.99
N GLU B 4 12.30 -26.21 -0.99
CA GLU B 4 11.16 -25.56 -0.31
C GLU B 4 9.93 -25.51 -1.20
N THR B 5 8.76 -25.33 -0.58
CA THR B 5 7.54 -25.05 -1.30
C THR B 5 7.27 -23.52 -1.24
N GLY B 6 6.84 -22.95 -2.36
CA GLY B 6 6.39 -21.56 -2.40
C GLY B 6 5.05 -21.46 -3.05
N LEU B 7 4.43 -20.28 -2.95
CA LEU B 7 3.20 -19.97 -3.63
C LEU B 7 3.46 -18.77 -4.54
N ILE B 8 2.99 -18.80 -5.78
CA ILE B 8 2.94 -17.60 -6.61
C ILE B 8 1.47 -17.27 -6.89
N PHE B 9 1.09 -16.06 -6.48
CA PHE B 9 -0.27 -15.54 -6.59
C PHE B 9 -0.25 -14.46 -7.69
N HIS B 10 -0.50 -14.87 -8.93
CA HIS B 10 -0.55 -13.94 -10.04
C HIS B 10 -1.48 -12.74 -9.94
N PRO B 11 -2.74 -12.90 -9.48
CA PRO B 11 -3.42 -14.20 -9.31
C PRO B 11 -4.05 -14.62 -10.64
N TYR B 12 -4.83 -15.71 -10.63
CA TYR B 12 -5.72 -16.04 -11.75
C TYR B 12 -7.14 -16.16 -11.18
N MET B 13 -7.82 -15.02 -11.04
CA MET B 13 -9.17 -14.97 -10.50
CA MET B 13 -9.17 -14.95 -10.49
C MET B 13 -10.16 -14.99 -11.64
N ARG B 14 -11.22 -15.81 -11.53
CA ARG B 14 -12.24 -15.82 -12.59
CA ARG B 14 -12.30 -15.83 -12.54
C ARG B 14 -12.83 -14.43 -12.86
N PRO B 15 -13.01 -14.10 -14.16
CA PRO B 15 -13.62 -12.82 -14.49
C PRO B 15 -14.93 -12.66 -13.75
N GLY B 16 -15.16 -11.49 -13.18
CA GLY B 16 -16.36 -11.29 -12.35
C GLY B 16 -16.09 -11.24 -10.85
N ARG B 17 -14.98 -11.80 -10.41
CA ARG B 17 -14.55 -11.66 -9.01
C ARG B 17 -14.42 -10.18 -8.59
N SER B 18 -14.93 -9.82 -7.41
CA SER B 18 -14.76 -8.46 -6.93
C SER B 18 -13.33 -8.27 -6.36
N ALA B 19 -12.94 -7.01 -6.16
CA ALA B 19 -11.71 -6.66 -5.46
C ALA B 19 -11.74 -7.21 -4.02
N ARG B 20 -12.85 -7.02 -3.29
CA ARG B 20 -12.91 -7.60 -1.94
C ARG B 20 -12.71 -9.10 -1.88
N GLN B 21 -13.36 -9.84 -2.79
CA GLN B 21 -13.18 -11.29 -2.85
C GLN B 21 -11.72 -11.70 -3.14
N THR B 22 -11.10 -10.99 -4.07
CA THR B 22 -9.72 -11.31 -4.47
C THR B 22 -8.80 -11.08 -3.28
N PHE B 23 -9.01 -9.97 -2.60
CA PHE B 23 -8.18 -9.58 -1.45
C PHE B 23 -8.34 -10.57 -0.31
N ASP B 24 -9.60 -10.91 0.00
CA ASP B 24 -9.94 -12.00 0.93
C ASP B 24 -9.26 -13.32 0.59
N TRP B 25 -9.35 -13.75 -0.68
CA TRP B 25 -8.66 -14.98 -1.11
C TRP B 25 -7.14 -14.89 -0.93
N GLY B 26 -6.57 -13.71 -1.24
CA GLY B 26 -5.15 -13.52 -0.97
C GLY B 26 -4.72 -13.67 0.48
N ILE B 27 -5.45 -13.06 1.40
CA ILE B 27 -5.09 -13.11 2.83
C ILE B 27 -5.28 -14.54 3.35
N LYS B 28 -6.42 -15.17 3.03
CA LYS B 28 -6.64 -16.59 3.41
C LYS B 28 -5.55 -17.51 2.85
N SER B 29 -5.13 -17.27 1.60
CA SER B 29 -4.02 -18.04 1.03
C SER B 29 -2.70 -17.83 1.78
N ALA B 30 -2.40 -16.59 2.14
CA ALA B 30 -1.19 -16.29 2.94
C ALA B 30 -1.21 -17.00 4.31
N VAL B 31 -2.35 -16.91 4.99
CA VAL B 31 -2.50 -17.50 6.31
C VAL B 31 -2.40 -19.03 6.21
N GLN B 32 -3.08 -19.62 5.22
CA GLN B 32 -3.06 -21.10 5.10
C GLN B 32 -1.68 -21.59 4.73
N ALA B 33 -1.01 -20.88 3.82
CA ALA B 33 0.34 -21.25 3.39
C ALA B 33 1.33 -21.20 4.54
N ASP B 34 1.27 -20.12 5.33
CA ASP B 34 2.09 -19.97 6.51
C ASP B 34 1.83 -21.19 7.44
N SER B 35 0.56 -21.60 7.56
CA SER B 35 0.17 -22.64 8.54
C SER B 35 0.71 -24.03 8.19
N VAL B 36 0.93 -24.30 6.91
CA VAL B 36 1.48 -25.60 6.47
C VAL B 36 2.97 -25.54 6.10
N GLY B 37 3.64 -24.46 6.50
CA GLY B 37 5.10 -24.33 6.35
C GLY B 37 5.63 -23.98 4.97
N ILE B 38 4.78 -23.40 4.12
CA ILE B 38 5.21 -22.89 2.81
C ILE B 38 6.18 -21.71 3.07
N ASP B 39 7.30 -21.67 2.33
CA ASP B 39 8.41 -20.79 2.68
C ASP B 39 8.16 -19.32 2.29
N SER B 40 7.51 -19.12 1.15
CA SER B 40 7.38 -17.79 0.56
C SER B 40 6.10 -17.67 -0.25
N MET B 41 5.58 -16.45 -0.32
CA MET B 41 4.46 -16.13 -1.19
C MET B 41 4.84 -14.93 -2.07
N MET B 42 4.92 -15.16 -3.39
CA MET B 42 5.10 -14.12 -4.40
C MET B 42 3.75 -13.61 -4.91
N ILE B 43 3.65 -12.30 -5.10
CA ILE B 43 2.38 -11.69 -5.52
C ILE B 43 2.67 -10.74 -6.65
N SER B 44 2.02 -10.98 -7.78
CA SER B 44 2.29 -10.21 -8.99
CA SER B 44 2.30 -10.19 -8.98
C SER B 44 1.53 -8.87 -9.04
N GLU B 45 1.88 -8.04 -10.04
CA GLU B 45 1.36 -6.70 -10.20
C GLU B 45 0.94 -6.42 -11.64
N HIS B 46 -0.34 -6.08 -11.83
CA HIS B 46 -0.89 -5.71 -13.15
C HIS B 46 -1.97 -4.68 -12.95
N ALA B 47 -1.95 -3.65 -13.79
CA ALA B 47 -2.96 -2.59 -13.77
C ALA B 47 -3.99 -2.73 -14.88
N SER B 48 -3.73 -3.57 -15.88
CA SER B 48 -4.64 -3.59 -17.04
C SER B 48 -5.30 -4.93 -17.36
N GLN B 49 -5.02 -5.97 -16.57
CA GLN B 49 -5.48 -7.34 -16.86
C GLN B 49 -6.71 -7.74 -16.05
N ILE B 50 -7.50 -8.70 -16.57
CA ILE B 50 -8.70 -9.21 -15.86
C ILE B 50 -8.42 -10.35 -14.87
N TRP B 51 -7.78 -11.42 -15.35
CA TRP B 51 -7.48 -12.56 -14.49
C TRP B 51 -6.44 -12.21 -13.43
N GLU B 52 -5.41 -11.46 -13.85
CA GLU B 52 -4.32 -11.08 -12.96
C GLU B 52 -4.68 -9.70 -12.46
N ASN B 53 -5.50 -9.67 -11.41
CA ASN B 53 -6.23 -8.46 -11.05
C ASN B 53 -5.73 -7.80 -9.74
N ILE B 54 -4.41 -7.83 -9.50
CA ILE B 54 -3.86 -7.14 -8.34
C ILE B 54 -2.85 -6.06 -8.81
N PRO B 55 -3.23 -4.76 -8.70
CA PRO B 55 -2.35 -3.69 -9.18
C PRO B 55 -1.38 -3.21 -8.09
N ASN B 56 -1.57 -3.68 -6.85
CA ASN B 56 -0.74 -3.28 -5.72
C ASN B 56 -0.47 -4.45 -4.77
N PRO B 57 0.47 -5.35 -5.15
CA PRO B 57 0.77 -6.51 -4.33
C PRO B 57 1.15 -6.14 -2.90
N GLU B 58 1.76 -4.96 -2.72
CA GLU B 58 2.15 -4.53 -1.37
C GLU B 58 0.96 -4.37 -0.40
N LEU B 59 -0.25 -4.06 -0.89
CA LEU B 59 -1.43 -3.93 -0.01
C LEU B 59 -1.78 -5.30 0.60
N LEU B 60 -1.73 -6.32 -0.24
CA LEU B 60 -1.99 -7.68 0.23
C LEU B 60 -0.90 -8.17 1.22
N ILE B 61 0.37 -7.91 0.89
CA ILE B 61 1.49 -8.29 1.77
C ILE B 61 1.34 -7.67 3.15
N ALA B 62 1.05 -6.36 3.17
CA ALA B 62 0.77 -5.60 4.39
C ALA B 62 -0.41 -6.16 5.20
N ALA B 63 -1.49 -6.49 4.51
CA ALA B 63 -2.70 -7.06 5.15
C ALA B 63 -2.45 -8.45 5.76
N ALA B 64 -1.52 -9.20 5.21
CA ALA B 64 -1.20 -10.53 5.72
C ALA B 64 -0.02 -10.57 6.68
N ALA B 65 0.69 -9.44 6.83
CA ALA B 65 1.96 -9.39 7.55
C ALA B 65 1.82 -9.81 9.02
N LEU B 66 0.88 -9.21 9.75
CA LEU B 66 0.79 -9.52 11.17
C LEU B 66 -0.11 -10.75 11.43
N GLN B 67 -0.67 -11.32 10.36
CA GLN B 67 -1.51 -12.53 10.46
CA GLN B 67 -1.52 -12.52 10.40
C GLN B 67 -0.70 -13.79 10.18
N THR B 68 0.60 -13.63 9.94
CA THR B 68 1.48 -14.75 9.62
C THR B 68 2.73 -14.66 10.48
N LYS B 69 3.40 -15.80 10.66
CA LYS B 69 4.53 -15.92 11.58
CA LYS B 69 4.53 -15.89 11.58
C LYS B 69 5.88 -16.09 10.86
N ASN B 70 5.90 -16.96 9.86
CA ASN B 70 7.14 -17.40 9.22
C ASN B 70 7.27 -17.14 7.74
N ILE B 71 6.15 -17.17 7.01
CA ILE B 71 6.23 -17.08 5.54
C ILE B 71 6.85 -15.74 5.13
N LYS B 72 7.64 -15.76 4.04
CA LYS B 72 8.26 -14.57 3.48
C LYS B 72 7.42 -14.09 2.31
N PHE B 73 7.34 -12.78 2.11
CA PHE B 73 6.56 -12.21 1.01
C PHE B 73 7.44 -11.52 -0.03
N ALA B 74 7.01 -11.53 -1.30
CA ALA B 74 7.72 -10.77 -2.34
C ALA B 74 6.78 -10.27 -3.42
N PRO B 75 6.83 -8.96 -3.73
CA PRO B 75 6.18 -8.54 -4.95
C PRO B 75 6.95 -9.15 -6.12
N MET B 76 6.23 -9.68 -7.11
CA MET B 76 6.86 -10.39 -8.22
CA MET B 76 6.87 -10.38 -8.22
C MET B 76 6.11 -10.08 -9.51
N ALA B 77 6.31 -8.89 -10.06
CA ALA B 77 7.33 -7.92 -9.62
C ALA B 77 6.78 -6.52 -9.52
N HIS B 78 7.35 -5.68 -8.64
CA HIS B 78 7.10 -4.24 -8.77
C HIS B 78 7.62 -3.79 -10.14
N LEU B 79 6.78 -3.08 -10.89
CA LEU B 79 7.18 -2.60 -12.19
C LEU B 79 7.80 -1.21 -12.04
N LEU B 80 9.13 -1.18 -12.01
CA LEU B 80 9.87 0.06 -11.67
C LEU B 80 9.57 1.26 -12.55
N PRO B 81 9.24 1.05 -13.85
CA PRO B 81 8.88 2.22 -14.67
C PRO B 81 7.60 2.95 -14.29
N HIS B 82 6.79 2.36 -13.42
CA HIS B 82 5.43 2.88 -13.17
C HIS B 82 5.32 3.77 -11.92
N GLN B 83 6.43 3.98 -11.20
CA GLN B 83 6.41 4.59 -9.86
CA GLN B 83 6.33 4.73 -9.95
C GLN B 83 7.62 5.50 -9.69
N HIS B 84 7.48 6.55 -8.88
CA HIS B 84 8.65 7.33 -8.46
C HIS B 84 9.54 6.47 -7.54
N PRO B 85 10.84 6.31 -7.89
CA PRO B 85 11.73 5.39 -7.15
C PRO B 85 11.92 5.75 -5.70
N ALA B 86 11.85 7.04 -5.33
CA ALA B 86 11.97 7.39 -3.90
C ALA B 86 10.74 6.92 -3.12
N LYS B 87 9.56 7.15 -3.70
CA LYS B 87 8.29 6.72 -3.10
C LYS B 87 8.29 5.20 -2.96
N LEU B 88 8.69 4.53 -4.03
CA LEU B 88 8.78 3.05 -3.99
C LEU B 88 9.85 2.54 -3.00
N ALA B 89 11.06 3.12 -3.01
CA ALA B 89 12.10 2.71 -2.06
C ALA B 89 11.65 2.82 -0.60
N THR B 90 11.00 3.94 -0.26
CA THR B 90 10.55 4.20 1.12
C THR B 90 9.52 3.11 1.55
N MET B 91 8.59 2.79 0.64
CA MET B 91 7.55 1.80 0.91
C MET B 91 8.17 0.42 1.09
N ILE B 92 9.11 0.08 0.22
CA ILE B 92 9.80 -1.20 0.28
C ILE B 92 10.50 -1.36 1.61
N GLY B 93 11.25 -0.32 2.02
CA GLY B 93 11.95 -0.36 3.30
C GLY B 93 11.03 -0.50 4.48
N TRP B 94 9.96 0.29 4.50
CA TRP B 94 9.04 0.29 5.63
C TRP B 94 8.36 -1.07 5.76
N LEU B 95 7.95 -1.63 4.61
CA LEU B 95 7.24 -2.91 4.61
C LEU B 95 8.16 -4.03 5.04
N SER B 96 9.40 -4.00 4.56
CA SER B 96 10.46 -4.88 5.05
C SER B 96 10.60 -4.80 6.58
N GLN B 97 10.60 -3.60 7.16
CA GLN B 97 10.65 -3.45 8.62
C GLN B 97 9.44 -4.03 9.34
N ILE B 98 8.25 -3.75 8.80
CA ILE B 98 7.01 -4.30 9.40
C ILE B 98 7.07 -5.85 9.49
N LEU B 99 7.60 -6.46 8.45
CA LEU B 99 7.72 -7.92 8.31
C LEU B 99 8.94 -8.50 9.04
N GLU B 100 9.74 -7.62 9.65
CA GLU B 100 10.98 -7.99 10.33
C GLU B 100 11.87 -8.83 9.40
N GLY B 101 11.97 -8.38 8.15
CA GLY B 101 12.80 -9.04 7.16
C GLY B 101 12.23 -10.25 6.43
N ARG B 102 11.00 -10.65 6.72
CA ARG B 102 10.36 -11.76 5.98
C ARG B 102 9.86 -11.24 4.64
N TYR B 103 10.80 -10.79 3.81
CA TYR B 103 10.49 -10.00 2.63
C TYR B 103 11.64 -10.15 1.66
N PHE B 104 11.33 -10.21 0.37
CA PHE B 104 12.33 -9.94 -0.65
C PHE B 104 11.66 -9.26 -1.82
N LEU B 105 12.47 -8.72 -2.73
CA LEU B 105 11.94 -7.79 -3.73
C LEU B 105 12.09 -8.23 -5.19
N GLY B 106 10.96 -8.36 -5.88
CA GLY B 106 10.97 -8.65 -7.29
C GLY B 106 10.87 -7.37 -8.07
N ILE B 107 11.74 -7.21 -9.08
CA ILE B 107 11.69 -6.04 -9.94
C ILE B 107 11.51 -6.43 -11.38
N GLY B 108 10.86 -5.58 -12.16
CA GLY B 108 10.64 -5.88 -13.55
C GLY B 108 10.24 -4.67 -14.34
N ALA B 109 10.22 -4.84 -15.68
CA ALA B 109 9.91 -3.75 -16.59
C ALA B 109 8.44 -3.64 -16.93
N GLY B 110 7.76 -4.79 -16.97
CA GLY B 110 6.35 -4.82 -17.37
C GLY B 110 6.15 -5.27 -18.82
N ALA B 111 5.38 -6.34 -19.02
CA ALA B 111 5.18 -6.94 -20.34
C ALA B 111 3.88 -6.53 -21.02
N TYR B 112 3.11 -5.64 -20.41
CA TYR B 112 1.79 -5.30 -20.94
C TYR B 112 1.75 -3.84 -21.41
N PRO B 113 1.81 -3.61 -22.75
CA PRO B 113 1.85 -2.26 -23.31
CA PRO B 113 1.84 -2.26 -23.33
C PRO B 113 0.69 -1.36 -22.91
N GLN B 114 -0.49 -1.93 -22.66
CA GLN B 114 -1.65 -1.15 -22.23
CA GLN B 114 -1.63 -1.12 -22.25
C GLN B 114 -1.37 -0.48 -20.88
N ALA B 115 -0.67 -1.20 -20.00
CA ALA B 115 -0.33 -0.67 -18.68
C ALA B 115 0.86 0.28 -18.75
N SER B 116 1.87 -0.03 -19.56
CA SER B 116 2.99 0.92 -19.82
C SER B 116 2.44 2.28 -20.27
N TYR B 117 1.46 2.22 -21.15
CA TYR B 117 0.82 3.40 -21.70
C TYR B 117 0.17 4.27 -20.60
N MET B 118 -0.59 3.62 -19.72
CA MET B 118 -1.19 4.31 -18.58
CA MET B 118 -1.19 4.31 -18.57
C MET B 118 -0.16 5.12 -17.80
N HIS B 119 1.04 4.57 -17.65
CA HIS B 119 2.09 5.20 -16.89
C HIS B 119 3.01 6.10 -17.73
N GLY B 120 2.55 6.47 -18.93
CA GLY B 120 3.25 7.44 -19.78
C GLY B 120 4.34 6.90 -20.68
N ILE B 121 4.41 5.57 -20.86
CA ILE B 121 5.38 4.95 -21.74
C ILE B 121 4.68 4.41 -22.98
N ARG B 122 4.84 5.11 -24.11
CA ARG B 122 4.18 4.76 -25.38
C ARG B 122 5.06 3.93 -26.31
N ASN B 123 4.42 3.14 -27.17
CA ASN B 123 5.11 2.16 -28.05
C ASN B 123 6.05 1.20 -27.31
N ALA B 124 5.58 0.64 -26.20
CA ALA B 124 6.38 -0.28 -25.39
C ALA B 124 6.54 -1.63 -26.10
N THR B 136 10.54 7.53 -27.94
CA THR B 136 10.22 6.40 -27.08
C THR B 136 11.08 6.44 -25.81
N LYS B 137 10.51 5.98 -24.71
CA LYS B 137 11.28 5.72 -23.50
C LYS B 137 11.68 4.26 -23.53
N ASN B 138 12.75 3.91 -22.83
CA ASN B 138 13.16 2.51 -22.78
C ASN B 138 12.89 1.87 -21.42
N LEU B 139 12.04 0.84 -21.38
CA LEU B 139 11.62 0.31 -20.11
C LEU B 139 12.78 -0.25 -19.32
N ASN B 140 13.71 -0.95 -19.99
CA ASN B 140 14.87 -1.53 -19.29
C ASN B 140 15.81 -0.49 -18.69
N ASP B 141 15.96 0.64 -19.38
CA ASP B 141 16.76 1.77 -18.86
C ASP B 141 16.06 2.37 -17.61
N MET B 142 14.73 2.47 -17.69
CA MET B 142 13.92 2.93 -16.54
C MET B 142 14.13 2.06 -15.33
N VAL B 143 14.13 0.73 -15.53
CA VAL B 143 14.44 -0.21 -14.48
C VAL B 143 15.80 0.04 -13.85
N ARG B 144 16.83 0.19 -14.70
CA ARG B 144 18.18 0.42 -14.20
CA ARG B 144 18.20 0.44 -14.25
C ARG B 144 18.29 1.74 -13.41
N GLU B 145 17.69 2.80 -13.91
CA GLU B 145 17.77 4.08 -13.21
C GLU B 145 17.00 4.04 -11.87
N SER B 146 15.84 3.38 -11.87
CA SER B 146 15.06 3.26 -10.64
C SER B 146 15.84 2.51 -9.60
N LEU B 147 16.42 1.36 -9.98
CA LEU B 147 17.14 0.57 -9.00
C LEU B 147 18.36 1.34 -8.44
N PHE B 148 19.08 2.00 -9.34
CA PHE B 148 20.21 2.86 -8.95
C PHE B 148 19.79 3.86 -7.85
N ILE B 149 18.71 4.60 -8.12
CA ILE B 149 18.11 5.51 -7.11
C ILE B 149 17.69 4.84 -5.81
N MET B 150 16.93 3.73 -5.88
CA MET B 150 16.44 3.07 -4.67
C MET B 150 17.57 2.58 -3.77
N GLU B 151 18.60 1.99 -4.36
CA GLU B 151 19.75 1.50 -3.60
C GLU B 151 20.42 2.63 -2.79
N LYS B 152 20.49 3.81 -3.40
CA LYS B 152 21.05 4.99 -2.71
C LYS B 152 20.15 5.57 -1.64
N ILE B 153 18.83 5.50 -1.85
CA ILE B 153 17.93 5.91 -0.78
CA ILE B 153 17.86 5.88 -0.81
C ILE B 153 18.05 4.97 0.40
N TRP B 154 18.13 3.64 0.14
CA TRP B 154 18.29 2.69 1.25
C TRP B 154 19.57 2.88 2.06
N LYS B 155 20.61 3.40 1.43
CA LYS B 155 21.89 3.68 2.12
C LYS B 155 21.82 4.91 3.04
N ARG B 156 20.88 5.82 2.77
CA ARG B 156 20.65 7.00 3.64
C ARG B 156 21.92 7.89 3.77
N GLU B 157 22.67 8.00 2.68
CA GLU B 157 23.77 8.95 2.56
CA GLU B 157 23.75 8.98 2.58
C GLU B 157 23.33 10.04 1.58
N PRO B 158 23.54 11.33 1.91
CA PRO B 158 23.01 12.39 1.05
C PRO B 158 23.55 12.33 -0.37
N PHE B 159 22.67 12.66 -1.32
CA PHE B 159 23.00 12.71 -2.74
C PHE B 159 21.82 13.41 -3.39
N PHE B 160 21.98 13.86 -4.63
CA PHE B 160 20.85 14.23 -5.47
C PHE B 160 21.14 13.66 -6.84
N HIS B 161 20.08 13.33 -7.58
CA HIS B 161 20.24 12.72 -8.90
C HIS B 161 19.24 13.34 -9.84
N GLU B 162 19.75 14.00 -10.86
CA GLU B 162 18.93 14.55 -11.92
C GLU B 162 19.00 13.56 -13.05
N GLY B 163 18.00 12.68 -13.15
CA GLY B 163 18.09 11.56 -14.07
C GLY B 163 17.39 11.81 -15.40
N LYS B 164 17.49 10.82 -16.27
CA LYS B 164 16.77 10.80 -17.55
CA LYS B 164 16.75 10.86 -17.55
C LYS B 164 15.25 10.67 -17.31
N TYR B 165 14.89 9.89 -16.28
CA TYR B 165 13.48 9.59 -16.05
C TYR B 165 12.91 10.18 -14.78
N TRP B 166 13.73 10.26 -13.73
CA TRP B 166 13.29 10.86 -12.47
C TRP B 166 14.36 11.75 -11.85
N ASP B 167 13.90 12.68 -11.01
CA ASP B 167 14.76 13.39 -10.06
C ASP B 167 14.52 12.86 -8.64
N ALA B 168 15.58 12.65 -7.87
CA ALA B 168 15.45 12.08 -6.52
C ALA B 168 16.69 12.38 -5.73
N GLY B 169 16.59 12.27 -4.41
CA GLY B 169 17.74 12.46 -3.57
C GLY B 169 17.51 11.96 -2.17
N TYR B 170 18.52 12.12 -1.35
CA TYR B 170 18.39 11.90 0.06
C TYR B 170 18.98 13.16 0.73
N PRO B 171 18.24 13.80 1.66
CA PRO B 171 18.68 15.10 2.16
C PRO B 171 19.70 15.01 3.28
N GLU B 172 20.39 16.15 3.50
CA GLU B 172 21.25 16.29 4.67
CA GLU B 172 21.26 16.32 4.66
C GLU B 172 20.38 16.54 5.89
N GLU B 173 20.85 16.14 7.07
CA GLU B 173 20.15 16.44 8.31
C GLU B 173 20.16 17.96 8.47
N LEU B 174 19.09 18.51 9.03
CA LEU B 174 19.02 19.94 9.32
C LEU B 174 19.85 20.23 10.58
N GLU B 175 20.32 21.48 10.71
CA GLU B 175 21.27 21.84 11.77
C GLU B 175 20.80 21.50 13.20
N ASP B 180 19.08 15.99 19.57
CA ASP B 180 17.71 15.56 19.80
C ASP B 180 17.30 14.54 18.73
N GLU B 181 17.15 13.28 19.16
CA GLU B 181 16.81 12.17 18.26
CA GLU B 181 16.81 12.18 18.26
C GLU B 181 15.54 12.45 17.45
N GLN B 182 14.52 13.01 18.13
CA GLN B 182 13.20 13.26 17.52
C GLN B 182 13.17 14.18 16.31
N HIS B 183 14.25 14.92 16.06
CA HIS B 183 14.27 15.91 14.96
C HIS B 183 15.07 15.49 13.74
N LYS B 184 15.91 14.47 13.87
CA LYS B 184 16.65 13.99 12.71
CA LYS B 184 16.67 13.93 12.75
C LYS B 184 15.76 13.16 11.77
N LEU B 185 16.32 12.73 10.64
CA LEU B 185 15.52 12.09 9.58
C LEU B 185 14.99 10.73 9.97
N ALA B 186 13.76 10.40 9.54
CA ALA B 186 13.24 9.03 9.67
C ALA B 186 14.17 7.98 9.05
N ASP B 187 14.11 6.76 9.56
CA ASP B 187 14.86 5.67 9.00
C ASP B 187 13.88 4.63 8.42
N PHE B 188 13.70 4.66 7.11
CA PHE B 188 12.86 3.69 6.41
C PHE B 188 13.69 2.77 5.51
N SER B 189 14.95 2.51 5.90
CA SER B 189 15.81 1.54 5.19
C SER B 189 15.23 0.14 5.46
N PRO B 190 15.50 -0.82 4.56
CA PRO B 190 14.93 -2.15 4.79
C PRO B 190 15.55 -2.86 6.00
N TRP B 191 14.96 -3.99 6.42
CA TRP B 191 15.39 -4.68 7.66
C TRP B 191 16.90 -4.88 7.74
N GLY B 192 17.48 -4.55 8.88
CA GLY B 192 18.95 -4.64 9.08
C GLY B 192 19.75 -3.50 8.44
N GLY B 193 19.04 -2.49 7.91
CA GLY B 193 19.69 -1.34 7.29
C GLY B 193 20.32 -1.53 5.93
N LYS B 194 20.00 -2.62 5.24
CA LYS B 194 20.56 -2.90 3.91
CA LYS B 194 20.55 -2.83 3.91
C LYS B 194 19.48 -3.25 2.89
N ALA B 195 19.82 -3.17 1.61
CA ALA B 195 18.92 -3.57 0.52
C ALA B 195 18.30 -4.94 0.77
N PRO B 196 17.02 -5.14 0.35
CA PRO B 196 16.47 -6.48 0.41
C PRO B 196 17.17 -7.36 -0.62
N GLU B 197 17.10 -8.67 -0.44
CA GLU B 197 17.42 -9.57 -1.55
C GLU B 197 16.52 -9.23 -2.74
N ILE B 198 17.11 -9.13 -3.91
CA ILE B 198 16.37 -8.75 -5.11
C ILE B 198 16.21 -9.96 -6.05
N ALA B 199 15.02 -10.09 -6.65
CA ALA B 199 14.71 -11.16 -7.60
C ALA B 199 14.24 -10.63 -8.95
N VAL B 200 14.46 -11.42 -10.00
CA VAL B 200 13.92 -11.10 -11.34
CA VAL B 200 13.98 -11.09 -11.36
C VAL B 200 13.38 -12.37 -11.97
N THR B 201 12.32 -12.22 -12.78
CA THR B 201 11.72 -13.35 -13.50
CA THR B 201 11.69 -13.34 -13.49
C THR B 201 12.17 -13.39 -14.95
N GLY B 202 12.46 -14.59 -15.43
CA GLY B 202 12.81 -14.79 -16.85
C GLY B 202 11.78 -15.62 -17.57
N PHE B 203 11.48 -15.26 -18.81
CA PHE B 203 10.57 -16.10 -19.62
CA PHE B 203 10.52 -15.98 -19.67
C PHE B 203 11.16 -16.63 -20.91
N SER B 204 11.86 -15.81 -21.69
CA SER B 204 12.43 -16.27 -22.96
C SER B 204 13.57 -17.28 -22.76
N TYR B 205 13.89 -18.01 -23.82
CA TYR B 205 14.90 -19.07 -23.80
C TYR B 205 16.28 -18.49 -23.45
N ASN B 206 16.73 -17.52 -24.24
CA ASN B 206 17.97 -16.79 -23.96
CA ASN B 206 17.97 -16.80 -23.96
C ASN B 206 17.64 -15.52 -23.19
N SER B 207 17.45 -15.68 -21.89
CA SER B 207 16.94 -14.62 -21.02
C SER B 207 17.95 -13.53 -20.65
N PRO B 208 17.71 -12.28 -21.12
CA PRO B 208 18.46 -11.13 -20.61
C PRO B 208 18.31 -10.97 -19.09
N SER B 209 17.14 -11.31 -18.55
CA SER B 209 16.90 -11.18 -17.12
C SER B 209 17.74 -12.16 -16.32
N MET B 210 17.93 -13.36 -16.86
CA MET B 210 18.77 -14.36 -16.19
C MET B 210 20.23 -13.91 -16.14
N ARG B 211 20.66 -13.27 -17.24
CA ARG B 211 22.01 -12.72 -17.37
CA ARG B 211 22.02 -12.71 -17.35
C ARG B 211 22.23 -11.60 -16.35
N LEU B 212 21.29 -10.65 -16.29
CA LEU B 212 21.33 -9.55 -15.32
C LEU B 212 21.38 -10.07 -13.89
N ALA B 213 20.55 -11.06 -13.60
CA ALA B 213 20.48 -11.63 -12.25
C ALA B 213 21.80 -12.25 -11.80
N GLY B 214 22.42 -13.05 -12.66
CA GLY B 214 23.73 -13.64 -12.35
C GLY B 214 24.76 -12.55 -12.12
N GLU B 215 24.81 -11.59 -13.05
CA GLU B 215 25.72 -10.43 -12.96
CA GLU B 215 25.72 -10.44 -12.97
C GLU B 215 25.66 -9.72 -11.62
N ARG B 216 24.44 -9.52 -11.13
CA ARG B 216 24.20 -8.76 -9.90
CA ARG B 216 24.20 -8.76 -9.90
C ARG B 216 23.99 -9.66 -8.68
N ASN B 217 24.03 -10.96 -8.87
CA ASN B 217 23.81 -11.89 -7.77
C ASN B 217 22.36 -11.82 -7.20
N PHE B 218 21.43 -11.48 -8.08
CA PHE B 218 19.98 -11.52 -7.78
C PHE B 218 19.44 -12.95 -7.72
N LYS B 219 18.24 -13.10 -7.15
CA LYS B 219 17.56 -14.39 -7.07
C LYS B 219 16.89 -14.65 -8.43
N PRO B 220 17.20 -15.80 -9.08
CA PRO B 220 16.56 -16.09 -10.38
C PRO B 220 15.18 -16.76 -10.19
N VAL B 221 14.18 -16.32 -10.96
CA VAL B 221 12.85 -16.94 -10.91
C VAL B 221 12.46 -17.34 -12.35
N SER B 222 12.17 -18.63 -12.56
CA SER B 222 11.72 -19.07 -13.88
C SER B 222 10.29 -19.61 -13.86
N ILE B 223 9.56 -19.37 -14.94
CA ILE B 223 8.26 -20.00 -15.16
C ILE B 223 8.51 -21.24 -16.00
N PHE B 224 8.23 -22.43 -15.46
CA PHE B 224 8.53 -23.67 -16.19
C PHE B 224 7.87 -23.72 -17.57
N SER B 225 8.70 -23.75 -18.62
CA SER B 225 8.21 -23.85 -19.99
C SER B 225 8.86 -24.98 -20.80
N GLY B 226 9.41 -25.98 -20.10
CA GLY B 226 10.10 -27.08 -20.76
C GLY B 226 11.50 -27.27 -20.24
N LEU B 227 12.07 -28.44 -20.51
CA LEU B 227 13.39 -28.82 -20.02
C LEU B 227 14.52 -27.97 -20.60
N ASP B 228 14.42 -27.67 -21.89
CA ASP B 228 15.46 -26.90 -22.58
C ASP B 228 15.61 -25.50 -21.99
N ALA B 229 14.48 -24.80 -21.86
CA ALA B 229 14.47 -23.44 -21.29
C ALA B 229 14.97 -23.43 -19.86
N LEU B 230 14.54 -24.40 -19.05
CA LEU B 230 14.96 -24.45 -17.66
C LEU B 230 16.49 -24.59 -17.54
N LYS B 231 17.04 -25.51 -18.33
CA LYS B 231 18.48 -25.69 -18.39
C LYS B 231 19.18 -24.44 -18.89
N ARG B 232 18.62 -23.82 -19.92
CA ARG B 232 19.20 -22.61 -20.50
C ARG B 232 19.23 -21.45 -19.49
N HIS B 233 18.15 -21.30 -18.71
CA HIS B 233 18.08 -20.25 -17.68
C HIS B 233 19.24 -20.38 -16.70
N TRP B 234 19.43 -21.59 -16.16
CA TRP B 234 20.52 -21.81 -15.21
C TRP B 234 21.92 -21.68 -15.85
N GLU B 235 22.04 -22.07 -17.12
CA GLU B 235 23.27 -21.92 -17.88
CA GLU B 235 23.30 -21.91 -17.84
C GLU B 235 23.68 -20.45 -17.93
N VAL B 236 22.77 -19.60 -18.43
CA VAL B 236 23.02 -18.16 -18.57
C VAL B 236 23.28 -17.51 -17.20
N TYR B 237 22.46 -17.84 -16.20
CA TYR B 237 22.61 -17.26 -14.87
C TYR B 237 23.97 -17.62 -14.21
N SER B 238 24.36 -18.89 -14.27
CA SER B 238 25.60 -19.32 -13.59
CA SER B 238 25.61 -19.35 -13.62
C SER B 238 26.86 -18.73 -14.23
N GLU B 239 26.86 -18.63 -15.56
CA GLU B 239 28.01 -18.10 -16.27
CA GLU B 239 28.00 -18.09 -16.30
C GLU B 239 28.16 -16.61 -15.99
N ALA B 240 27.04 -15.89 -16.00
CA ALA B 240 27.04 -14.45 -15.64
C ALA B 240 27.52 -14.26 -14.21
N ALA B 241 27.02 -15.07 -13.28
CA ALA B 241 27.46 -15.05 -11.88
C ALA B 241 28.98 -15.28 -11.68
N ILE B 242 29.48 -16.41 -12.18
CA ILE B 242 30.91 -16.76 -12.00
C ILE B 242 31.80 -15.68 -12.59
N GLU B 243 31.44 -15.22 -13.79
CA GLU B 243 32.14 -14.12 -14.44
C GLU B 243 32.21 -12.84 -13.61
N ALA B 244 31.10 -12.49 -12.97
CA ALA B 244 31.06 -11.30 -12.12
C ALA B 244 31.70 -11.54 -10.77
N GLY B 245 32.07 -12.78 -10.49
CA GLY B 245 32.78 -13.10 -9.26
C GLY B 245 31.91 -13.69 -8.17
N HIS B 246 30.68 -14.07 -8.52
CA HIS B 246 29.74 -14.62 -7.54
C HIS B 246 29.70 -16.16 -7.64
N THR B 247 29.29 -16.80 -6.55
CA THR B 247 29.08 -18.24 -6.53
C THR B 247 27.60 -18.55 -6.70
N PRO B 248 27.20 -19.06 -7.88
CA PRO B 248 25.80 -19.39 -8.16
C PRO B 248 25.31 -20.48 -7.22
N ASP B 249 24.12 -20.29 -6.65
CA ASP B 249 23.57 -21.17 -5.62
C ASP B 249 22.20 -21.63 -6.11
N ARG B 250 22.10 -22.91 -6.47
CA ARG B 250 20.87 -23.47 -7.02
CA ARG B 250 20.87 -23.46 -7.03
C ARG B 250 19.68 -23.35 -6.07
N SER B 251 19.96 -23.35 -4.77
CA SER B 251 18.90 -23.30 -3.77
C SER B 251 18.12 -21.96 -3.79
N ARG B 252 18.68 -20.98 -4.49
CA ARG B 252 18.04 -19.67 -4.65
C ARG B 252 17.11 -19.66 -5.84
N HIS B 253 17.31 -20.61 -6.75
CA HIS B 253 16.50 -20.68 -7.95
C HIS B 253 15.06 -21.09 -7.60
N ALA B 254 14.10 -20.26 -7.98
CA ALA B 254 12.68 -20.58 -7.79
C ALA B 254 12.07 -20.87 -9.16
N VAL B 255 11.35 -21.99 -9.24
CA VAL B 255 10.71 -22.38 -10.50
C VAL B 255 9.22 -22.55 -10.29
N SER B 256 8.44 -21.87 -11.12
CA SER B 256 6.99 -21.90 -11.01
CA SER B 256 6.99 -21.92 -10.98
C SER B 256 6.38 -23.04 -11.83
N HIS B 257 5.51 -23.82 -11.19
CA HIS B 257 4.81 -24.94 -11.80
C HIS B 257 3.34 -24.92 -11.44
N THR B 258 2.51 -25.50 -12.32
CA THR B 258 1.14 -25.86 -12.00
C THR B 258 1.20 -27.22 -11.27
N VAL B 259 0.74 -27.24 -10.03
CA VAL B 259 0.89 -28.41 -9.12
C VAL B 259 -0.44 -28.69 -8.42
N PHE B 260 -0.89 -29.95 -8.43
CA PHE B 260 -2.06 -30.33 -7.64
C PHE B 260 -1.91 -31.75 -7.13
N CYS B 261 -2.18 -31.91 -5.84
CA CYS B 261 -2.01 -33.17 -5.16
CA CYS B 261 -2.04 -33.20 -5.17
C CYS B 261 -3.32 -33.64 -4.50
N ALA B 262 -3.58 -34.94 -4.55
CA ALA B 262 -4.71 -35.57 -3.84
C ALA B 262 -4.28 -36.98 -3.40
N ASP B 263 -5.15 -37.71 -2.70
CA ASP B 263 -4.80 -39.05 -2.19
CA ASP B 263 -4.79 -39.04 -2.19
C ASP B 263 -4.42 -40.04 -3.30
N THR B 264 -5.11 -39.96 -4.44
CA THR B 264 -4.82 -40.81 -5.60
C THR B 264 -4.67 -39.99 -6.88
N ASP B 265 -3.93 -40.54 -7.84
CA ASP B 265 -3.74 -39.95 -9.17
C ASP B 265 -5.04 -39.67 -9.89
N LYS B 266 -5.97 -40.60 -9.77
CA LYS B 266 -7.25 -40.48 -10.46
C LYS B 266 -8.05 -39.28 -9.96
N GLU B 267 -8.08 -39.06 -8.64
CA GLU B 267 -8.83 -37.94 -8.07
CA GLU B 267 -8.83 -37.94 -8.10
C GLU B 267 -8.13 -36.60 -8.34
N ALA B 268 -6.79 -36.62 -8.31
CA ALA B 268 -6.00 -35.41 -8.60
C ALA B 268 -6.25 -34.95 -10.03
N LYS B 269 -6.11 -35.88 -11.00
CA LYS B 269 -6.36 -35.55 -12.40
C LYS B 269 -7.77 -35.04 -12.63
N ARG B 270 -8.76 -35.71 -12.02
CA ARG B 270 -10.17 -35.32 -12.15
CA ARG B 270 -10.17 -35.31 -12.16
C ARG B 270 -10.42 -33.90 -11.62
N LEU B 271 -9.89 -33.60 -10.45
CA LEU B 271 -10.06 -32.29 -9.80
C LEU B 271 -9.42 -31.17 -10.63
N VAL B 272 -8.26 -31.46 -11.21
CA VAL B 272 -7.60 -30.55 -12.15
C VAL B 272 -8.41 -30.37 -13.44
N MET B 273 -8.75 -31.48 -14.10
CA MET B 273 -9.48 -31.43 -15.36
C MET B 273 -10.81 -30.73 -15.27
N GLU B 274 -11.54 -30.96 -14.17
CA GLU B 274 -12.91 -30.49 -14.03
C GLU B 274 -13.09 -29.22 -13.19
N GLY B 275 -12.04 -28.81 -12.45
CA GLY B 275 -12.16 -27.63 -11.57
C GLY B 275 -11.49 -26.35 -12.06
N PRO B 276 -11.21 -25.41 -11.13
CA PRO B 276 -10.61 -24.10 -11.41
C PRO B 276 -9.37 -24.10 -12.32
N ILE B 277 -8.44 -25.02 -12.12
CA ILE B 277 -7.22 -25.08 -12.90
C ILE B 277 -7.52 -25.37 -14.37
N GLY B 278 -8.27 -26.44 -14.64
CA GLY B 278 -8.65 -26.76 -16.01
C GLY B 278 -9.46 -25.67 -16.65
N TYR B 279 -10.36 -25.05 -15.86
CA TYR B 279 -11.19 -23.95 -16.35
C TYR B 279 -10.35 -22.75 -16.82
N CYS B 280 -9.36 -22.36 -16.02
CA CYS B 280 -8.48 -21.24 -16.37
C CYS B 280 -7.68 -21.57 -17.64
N PHE B 281 -7.07 -22.74 -17.67
CA PHE B 281 -6.29 -23.16 -18.84
C PHE B 281 -7.12 -23.22 -20.12
N GLU B 282 -8.30 -23.82 -20.03
CA GLU B 282 -9.18 -23.99 -21.19
C GLU B 282 -9.72 -22.67 -21.69
N ARG B 283 -10.16 -21.82 -20.76
CA ARG B 283 -10.81 -20.58 -21.16
C ARG B 283 -9.82 -19.48 -21.51
N TYR B 284 -8.66 -19.48 -20.85
CA TYR B 284 -7.79 -18.30 -20.88
C TYR B 284 -6.39 -18.59 -21.40
N LEU B 285 -5.65 -19.45 -20.69
CA LEU B 285 -4.23 -19.64 -20.93
C LEU B 285 -3.88 -20.40 -22.23
N ILE B 286 -4.57 -21.52 -22.49
CA ILE B 286 -4.27 -22.33 -23.68
C ILE B 286 -4.40 -21.53 -24.98
N PRO B 287 -5.54 -20.85 -25.21
CA PRO B 287 -5.65 -20.04 -26.43
C PRO B 287 -4.50 -19.03 -26.61
N ILE B 288 -4.06 -18.43 -25.51
CA ILE B 288 -2.96 -17.46 -25.56
C ILE B 288 -1.64 -18.16 -25.86
N TRP B 289 -1.34 -19.21 -25.08
CA TRP B 289 -0.13 -19.99 -25.26
C TRP B 289 -0.04 -20.57 -26.67
N ARG B 290 -1.18 -21.04 -27.20
CA ARG B 290 -1.22 -21.58 -28.56
CA ARG B 290 -1.20 -21.58 -28.56
C ARG B 290 -0.94 -20.48 -29.59
N ARG B 291 -1.59 -19.33 -29.43
CA ARG B 291 -1.42 -18.22 -30.37
C ARG B 291 0.02 -17.72 -30.44
N PHE B 292 0.76 -17.83 -29.34
CA PHE B 292 2.14 -17.36 -29.30
C PHE B 292 3.14 -18.49 -29.21
N GLY B 293 2.68 -19.70 -29.53
CA GLY B 293 3.53 -20.89 -29.59
C GLY B 293 4.32 -21.20 -28.34
N MET B 294 3.70 -20.96 -27.18
CA MET B 294 4.39 -21.10 -25.89
C MET B 294 4.37 -22.52 -25.32
N MET B 295 3.74 -23.44 -26.04
CA MET B 295 3.76 -24.84 -25.65
C MET B 295 4.71 -25.67 -26.53
N ASP B 296 5.62 -25.00 -27.24
CA ASP B 296 6.60 -25.68 -28.11
C ASP B 296 7.65 -26.45 -27.32
N GLY B 297 8.11 -25.87 -26.22
CA GLY B 297 9.00 -26.56 -25.30
C GLY B 297 8.36 -27.82 -24.72
N TYR B 298 7.09 -27.73 -24.34
CA TYR B 298 6.36 -28.88 -23.82
C TYR B 298 6.21 -29.97 -24.88
N ALA B 299 5.87 -29.54 -26.10
CA ALA B 299 5.67 -30.42 -27.25
C ALA B 299 6.95 -31.18 -27.61
N LYS B 300 8.06 -30.46 -27.71
CA LYS B 300 9.35 -31.06 -27.99
CA LYS B 300 9.35 -31.08 -27.99
C LYS B 300 9.68 -32.13 -26.94
N ASP B 301 9.58 -31.75 -25.66
CA ASP B 301 9.88 -32.66 -24.54
C ASP B 301 9.13 -33.99 -24.61
N ALA B 302 7.87 -33.94 -25.06
CA ALA B 302 6.99 -35.10 -25.08
C ALA B 302 6.88 -35.73 -26.48
N GLY B 303 7.54 -35.12 -27.45
CA GLY B 303 7.62 -35.67 -28.80
C GLY B 303 6.41 -35.41 -29.68
N ILE B 304 5.38 -34.77 -29.14
CA ILE B 304 4.18 -34.47 -29.92
C ILE B 304 4.31 -33.19 -30.75
N ASP B 305 3.28 -32.92 -31.55
CA ASP B 305 3.19 -31.74 -32.38
C ASP B 305 2.39 -30.68 -31.62
N PRO B 306 2.91 -29.44 -31.54
CA PRO B 306 2.27 -28.36 -30.78
C PRO B 306 0.77 -28.18 -31.05
N VAL B 307 0.33 -28.47 -32.28
CA VAL B 307 -1.11 -28.42 -32.61
C VAL B 307 -1.99 -29.30 -31.71
N ASP B 308 -1.39 -30.35 -31.15
CA ASP B 308 -2.11 -31.31 -30.30
C ASP B 308 -1.87 -31.09 -28.80
N ALA B 309 -1.40 -29.89 -28.45
CA ALA B 309 -1.23 -29.52 -27.05
C ALA B 309 -2.56 -29.03 -26.49
N ASP B 310 -3.20 -29.89 -25.70
CA ASP B 310 -4.50 -29.57 -25.10
C ASP B 310 -4.44 -29.75 -23.58
N LEU B 311 -5.56 -29.53 -22.91
CA LEU B 311 -5.59 -29.59 -21.44
C LEU B 311 -5.09 -30.93 -20.91
N GLU B 312 -5.66 -32.02 -21.44
CA GLU B 312 -5.27 -33.36 -21.00
C GLU B 312 -3.79 -33.64 -21.25
N PHE B 313 -3.26 -33.16 -22.37
CA PHE B 313 -1.83 -33.30 -22.63
C PHE B 313 -1.01 -32.63 -21.52
N LEU B 314 -1.36 -31.39 -21.19
CA LEU B 314 -0.68 -30.66 -20.12
C LEU B 314 -0.81 -31.40 -18.79
N VAL B 315 -2.02 -31.85 -18.48
CA VAL B 315 -2.28 -32.51 -17.20
C VAL B 315 -1.46 -33.79 -17.07
N ASP B 316 -1.29 -34.51 -18.18
CA ASP B 316 -0.59 -35.80 -18.17
C ASP B 316 0.92 -35.69 -18.27
N ASN B 317 1.41 -34.66 -18.96
CA ASN B 317 2.85 -34.56 -19.27
C ASN B 317 3.59 -33.33 -18.73
N VAL B 318 2.85 -32.30 -18.32
CA VAL B 318 3.48 -31.04 -17.91
C VAL B 318 3.21 -30.74 -16.44
N PHE B 319 1.94 -30.62 -16.08
CA PHE B 319 1.59 -30.27 -14.71
C PHE B 319 2.12 -31.33 -13.75
N LEU B 320 2.43 -30.89 -12.53
CA LEU B 320 2.88 -31.82 -11.50
C LEU B 320 1.63 -32.26 -10.74
N VAL B 321 0.94 -33.26 -11.30
CA VAL B 321 -0.36 -33.72 -10.77
C VAL B 321 -0.31 -35.21 -10.42
N GLY B 322 -0.98 -35.59 -9.33
CA GLY B 322 -1.09 -36.97 -8.93
C GLY B 322 -1.20 -37.13 -7.44
N SER B 323 -0.90 -38.34 -6.97
CA SER B 323 -0.80 -38.62 -5.54
C SER B 323 0.54 -38.04 -5.09
N PRO B 324 0.75 -37.90 -3.77
CA PRO B 324 2.05 -37.42 -3.32
C PRO B 324 3.21 -38.22 -3.92
N ASP B 325 3.05 -39.53 -4.05
CA ASP B 325 4.12 -40.38 -4.57
C ASP B 325 4.39 -40.10 -6.04
N THR B 326 3.32 -40.00 -6.81
CA THR B 326 3.44 -39.67 -8.23
C THR B 326 4.10 -38.30 -8.42
N VAL B 327 3.66 -37.31 -7.64
CA VAL B 327 4.25 -35.96 -7.73
C VAL B 327 5.73 -35.97 -7.28
N THR B 328 6.02 -36.65 -6.17
CA THR B 328 7.41 -36.80 -5.70
C THR B 328 8.32 -37.40 -6.77
N GLU B 329 7.82 -38.42 -7.47
CA GLU B 329 8.57 -39.09 -8.53
C GLU B 329 8.82 -38.15 -9.71
N LYS B 330 7.77 -37.45 -10.15
CA LYS B 330 7.86 -36.51 -11.28
C LYS B 330 8.86 -35.39 -11.04
N ILE B 331 8.91 -34.89 -9.80
CA ILE B 331 9.89 -33.87 -9.40
C ILE B 331 11.30 -34.46 -9.41
N ASN B 332 11.44 -35.68 -8.88
CA ASN B 332 12.74 -36.37 -8.90
C ASN B 332 13.28 -36.54 -10.32
N ALA B 333 12.39 -36.86 -11.27
CA ALA B 333 12.75 -36.99 -12.68
C ALA B 333 13.27 -35.68 -13.28
N LEU B 334 12.50 -34.61 -13.08
CA LEU B 334 12.90 -33.26 -13.52
C LEU B 334 14.25 -32.86 -12.92
N PHE B 335 14.44 -33.17 -11.64
CA PHE B 335 15.71 -32.91 -10.97
C PHE B 335 16.89 -33.63 -11.64
N GLU B 336 16.67 -34.89 -12.07
CA GLU B 336 17.68 -35.68 -12.76
CA GLU B 336 17.68 -35.68 -12.77
C GLU B 336 18.02 -35.06 -14.11
N ALA B 337 16.99 -34.61 -14.82
CA ALA B 337 17.14 -34.00 -16.13
C ALA B 337 17.73 -32.60 -16.10
N THR B 338 17.52 -31.87 -15.00
CA THR B 338 17.91 -30.44 -14.97
C THR B 338 18.98 -30.07 -13.94
N GLY B 339 19.08 -30.84 -12.86
CA GLY B 339 19.91 -30.43 -11.71
C GLY B 339 19.09 -29.93 -10.53
N GLY B 340 17.83 -29.60 -10.78
CA GLY B 340 16.92 -29.15 -9.71
C GLY B 340 16.80 -27.64 -9.53
N TRP B 341 16.23 -27.24 -8.39
CA TRP B 341 16.00 -25.83 -8.01
C TRP B 341 15.74 -25.79 -6.51
N GLY B 342 15.70 -24.58 -5.93
CA GLY B 342 15.55 -24.41 -4.50
C GLY B 342 14.11 -24.35 -4.00
N THR B 343 13.22 -23.74 -4.77
CA THR B 343 11.83 -23.59 -4.38
C THR B 343 10.90 -23.97 -5.51
N LEU B 344 9.97 -24.87 -5.19
CA LEU B 344 8.89 -25.19 -6.09
C LEU B 344 7.79 -24.16 -5.86
N GLN B 345 7.63 -23.25 -6.82
CA GLN B 345 6.70 -22.16 -6.64
C GLN B 345 5.39 -22.55 -7.26
N VAL B 346 4.46 -22.96 -6.40
CA VAL B 346 3.14 -23.41 -6.83
C VAL B 346 2.22 -22.24 -7.26
N GLU B 347 1.74 -22.31 -8.49
CA GLU B 347 0.78 -21.33 -9.03
C GLU B 347 -0.59 -21.44 -8.35
N ALA B 348 -1.04 -20.33 -7.76
CA ALA B 348 -2.32 -20.31 -7.08
C ALA B 348 -3.47 -20.12 -8.06
N HIS B 349 -4.53 -20.89 -7.86
CA HIS B 349 -5.69 -20.76 -8.70
C HIS B 349 -6.93 -20.39 -7.90
N ASP B 350 -7.98 -20.04 -8.60
CA ASP B 350 -9.19 -19.53 -7.98
C ASP B 350 -10.01 -20.66 -7.34
N TYR B 351 -9.61 -21.07 -6.14
CA TYR B 351 -10.41 -21.93 -5.25
C TYR B 351 -11.13 -21.20 -4.12
N TYR B 352 -11.40 -19.91 -4.31
CA TYR B 352 -12.06 -19.12 -3.29
C TYR B 352 -13.40 -19.73 -2.86
N ASP B 353 -14.12 -20.34 -3.82
CA ASP B 353 -15.43 -20.92 -3.57
C ASP B 353 -15.38 -22.38 -3.12
N ASP B 354 -14.18 -22.95 -3.06
CA ASP B 354 -14.02 -24.37 -2.78
C ASP B 354 -12.65 -24.64 -2.20
N PRO B 355 -12.37 -24.03 -1.05
CA PRO B 355 -11.00 -24.04 -0.50
C PRO B 355 -10.43 -25.40 -0.12
N ALA B 356 -11.27 -26.32 0.38
CA ALA B 356 -10.74 -27.55 1.01
C ALA B 356 -9.79 -28.43 0.17
N PRO B 357 -10.17 -28.81 -1.07
CA PRO B 357 -9.24 -29.67 -1.81
C PRO B 357 -7.95 -28.96 -2.24
N TRP B 358 -8.03 -27.64 -2.43
CA TRP B 358 -6.85 -26.83 -2.73
C TRP B 358 -5.91 -26.73 -1.53
N PHE B 359 -6.46 -26.38 -0.37
CA PHE B 359 -5.66 -26.36 0.87
C PHE B 359 -5.07 -27.75 1.22
N GLN B 360 -5.84 -28.82 1.05
CA GLN B 360 -5.33 -30.19 1.27
CA GLN B 360 -5.30 -30.18 1.28
C GLN B 360 -4.18 -30.48 0.31
N SER B 361 -4.34 -30.09 -0.95
CA SER B 361 -3.27 -30.23 -1.96
C SER B 361 -1.96 -29.55 -1.54
N LEU B 362 -2.06 -28.26 -1.17
CA LEU B 362 -0.88 -27.50 -0.71
C LEU B 362 -0.24 -28.12 0.51
N GLU B 363 -1.07 -28.58 1.45
CA GLU B 363 -0.58 -29.26 2.65
C GLU B 363 0.18 -30.53 2.27
N LEU B 364 -0.36 -31.31 1.34
CA LEU B 364 0.34 -32.51 0.87
C LEU B 364 1.68 -32.16 0.21
N ILE B 365 1.71 -31.12 -0.62
CA ILE B 365 2.98 -30.69 -1.26
C ILE B 365 4.02 -30.28 -0.24
N SER B 366 3.62 -29.41 0.68
CA SER B 366 4.55 -28.82 1.64
C SER B 366 5.08 -29.82 2.68
N LYS B 367 4.20 -30.73 3.14
CA LYS B 367 4.55 -31.63 4.25
CA LYS B 367 4.52 -31.64 4.25
C LYS B 367 4.96 -33.04 3.81
N GLU B 368 4.37 -33.55 2.72
CA GLU B 368 4.62 -34.92 2.26
CA GLU B 368 4.62 -34.92 2.26
C GLU B 368 5.48 -35.02 1.00
N VAL B 369 5.44 -34.01 0.13
CA VAL B 369 6.21 -34.10 -1.13
C VAL B 369 7.58 -33.45 -1.04
N ALA B 370 7.60 -32.13 -0.83
CA ALA B 370 8.82 -31.34 -0.87
C ALA B 370 9.94 -31.81 0.09
N PRO B 371 9.60 -32.21 1.34
CA PRO B 371 10.68 -32.66 2.23
C PRO B 371 11.48 -33.88 1.72
N LYS B 372 10.87 -34.70 0.87
CA LYS B 372 11.52 -35.87 0.25
CA LYS B 372 11.53 -35.86 0.26
C LYS B 372 12.47 -35.49 -0.88
N ILE B 373 12.25 -34.33 -1.49
CA ILE B 373 13.08 -33.86 -2.61
C ILE B 373 14.32 -33.18 -2.08
N LEU B 374 15.48 -33.76 -2.37
CA LEU B 374 16.75 -33.23 -1.88
C LEU B 374 17.57 -32.64 -3.03
N LEU B 375 18.19 -31.49 -2.76
CA LEU B 375 19.06 -30.84 -3.73
C LEU B 375 20.40 -31.55 -3.90
N PRO B 376 20.83 -31.76 -5.17
CA PRO B 376 22.20 -32.22 -5.40
C PRO B 376 23.19 -31.07 -5.25
N LYS B 377 22.74 -29.85 -5.56
CA LYS B 377 23.54 -28.64 -5.45
C LYS B 377 22.75 -27.58 -4.69
#